data_8G3G
#
_entry.id   8G3G
#
_cell.length_a   1.00
_cell.length_b   1.00
_cell.length_c   1.00
_cell.angle_alpha   90.00
_cell.angle_beta   90.00
_cell.angle_gamma   90.00
#
_symmetry.space_group_name_H-M   'P 1'
#
_entity_poly.entity_id   1
_entity_poly.type   'polypeptide(L)'
_entity_poly.pdbx_seq_one_letter_code
;MNEIMDMDEKKPVFGNHSEDIQTKLDKKLGPEYISKRVGFGTSRIAYIEGWRVINLANQIFGYNGWSTEVKSVVIDFLDE
RQGKFSIGCTAIVRVTLTSGTYREDIGYGTVENERRKPAAFERAKKSAVTDALKRSLRGFGNALGNCLYDKDFLAKIDKV
KFDPPDFDENNLFRPTDEISESSRTNTLHENQEQQQYPNKRRQLTKVTNTNPDSTKNLVKIENTVSRGTPMMAAPAEANS
KNSSNKDTDLKSLDASKQDQDDLLDDSLMFSDDFQDDDLINMGNTNSNVLTTEKDPVVAKQSPTASSNPEAEQITFVTAK
AATSVQNERYIGEESIFDPKYQAQSIRHTVDQTTSKHIPASVLKDKTMTTARDSVYEKFAPKGKQLSMKNNDKELGPHML
EGAGNQVPRETTPIKTNATAFPPAAAPRFAPPSKVVHPNGNGAVPAVPQQRSTRREVGRPKINPLHARKPT
;
_entity_poly.pdbx_strand_id   J,A,B,C,D,E,F,G,H,I
#
# COMPACT_ATOMS: atom_id res chain seq x y z
N ILE A 54 -27.11 -24.21 6.19
CA ILE A 54 -26.84 -22.95 5.51
C ILE A 54 -28.16 -22.30 5.09
N ASN A 55 -29.08 -23.10 4.55
CA ASN A 55 -30.37 -22.57 4.12
C ASN A 55 -31.17 -22.03 5.30
N LEU A 56 -30.94 -22.57 6.51
CA LEU A 56 -31.63 -22.06 7.69
C LEU A 56 -31.23 -20.62 7.98
N ALA A 57 -29.97 -20.26 7.72
CA ALA A 57 -29.54 -18.88 7.90
C ALA A 57 -30.27 -17.95 6.94
N ASN A 58 -30.45 -18.38 5.69
CA ASN A 58 -31.24 -17.61 4.74
C ASN A 58 -32.70 -17.56 5.15
N GLN A 59 -33.14 -18.56 5.93
CA GLN A 59 -34.58 -18.63 6.35
C GLN A 59 -34.84 -17.66 7.50
N ILE A 60 -34.04 -17.74 8.58
CA ILE A 60 -34.21 -16.76 9.69
C ILE A 60 -33.95 -15.35 9.14
N PHE A 61 -32.86 -15.16 8.40
CA PHE A 61 -32.62 -13.89 7.72
C PHE A 61 -33.49 -13.62 6.51
N GLY A 62 -33.34 -12.46 5.86
CA GLY A 62 -34.14 -12.14 4.70
C GLY A 62 -33.34 -12.68 3.53
N TYR A 63 -33.99 -12.73 2.37
CA TYR A 63 -33.31 -13.16 1.15
C TYR A 63 -32.20 -12.20 0.74
N ASN A 64 -32.30 -10.94 1.14
CA ASN A 64 -31.26 -9.95 0.88
C ASN A 64 -30.78 -9.31 2.18
N GLY A 65 -31.00 -10.00 3.30
CA GLY A 65 -30.67 -9.45 4.60
C GLY A 65 -29.26 -9.76 5.07
N TRP A 66 -28.76 -10.95 4.75
CA TRP A 66 -27.35 -11.26 5.13
C TRP A 66 -26.39 -11.24 3.94
N SER A 67 -25.09 -11.20 4.24
CA SER A 67 -24.05 -11.15 3.18
C SER A 67 -22.88 -12.01 3.61
N THR A 68 -22.01 -12.42 2.68
CA THR A 68 -20.80 -13.19 3.06
C THR A 68 -19.57 -12.53 2.44
N GLU A 69 -18.45 -12.43 3.18
CA GLU A 69 -17.22 -11.90 2.60
C GLU A 69 -16.07 -12.76 3.10
N VAL A 70 -15.59 -13.67 2.27
CA VAL A 70 -14.45 -14.51 2.63
C VAL A 70 -13.21 -13.63 2.66
N LYS A 71 -12.75 -13.28 3.86
CA LYS A 71 -11.63 -12.37 3.98
C LYS A 71 -10.29 -13.05 3.69
N SER A 72 -10.08 -14.26 4.19
CA SER A 72 -8.75 -14.86 4.03
C SER A 72 -8.86 -16.38 4.08
N VAL A 73 -8.49 -17.04 2.99
CA VAL A 73 -8.36 -18.50 2.94
C VAL A 73 -6.88 -18.81 2.79
N VAL A 74 -6.34 -19.62 3.71
CA VAL A 74 -4.90 -19.84 3.76
C VAL A 74 -4.63 -21.33 3.91
N ILE A 75 -3.58 -21.79 3.23
CA ILE A 75 -3.04 -23.13 3.42
C ILE A 75 -2.21 -23.17 4.70
N ASP A 76 -2.35 -24.25 5.46
CA ASP A 76 -1.55 -24.42 6.66
C ASP A 76 -0.32 -25.30 6.46
N PHE A 77 -0.48 -26.45 5.82
CA PHE A 77 0.66 -27.33 5.57
C PHE A 77 0.35 -28.23 4.39
N LEU A 78 1.41 -28.84 3.86
CA LEU A 78 1.32 -29.78 2.75
C LEU A 78 2.09 -31.03 3.11
N ASP A 79 1.42 -32.18 3.09
CA ASP A 79 2.02 -33.45 3.47
C ASP A 79 1.97 -34.42 2.30
N GLU A 80 3.08 -35.10 2.06
CA GLU A 80 3.18 -36.12 1.02
C GLU A 80 3.65 -37.43 1.67
N ARG A 81 2.70 -38.21 2.17
CA ARG A 81 3.01 -39.47 2.86
C ARG A 81 2.54 -40.62 1.98
N GLN A 82 3.49 -41.26 1.30
CA GLN A 82 3.23 -42.35 0.35
C GLN A 82 1.98 -42.12 -0.48
N GLY A 83 1.75 -40.87 -0.90
CA GLY A 83 0.59 -40.49 -1.67
C GLY A 83 -0.51 -39.81 -0.88
N LYS A 84 -0.51 -39.94 0.45
CA LYS A 84 -1.50 -39.28 1.27
C LYS A 84 -1.23 -37.78 1.34
N PHE A 85 -2.30 -37.00 1.42
CA PHE A 85 -2.21 -35.55 1.61
C PHE A 85 -3.09 -35.18 2.79
N SER A 86 -2.46 -35.02 3.96
CA SER A 86 -3.16 -34.61 5.18
C SER A 86 -2.94 -33.12 5.37
N ILE A 87 -3.85 -32.31 4.83
CA ILE A 87 -3.68 -30.87 4.84
C ILE A 87 -4.92 -30.20 5.40
N GLY A 88 -4.72 -29.03 6.01
CA GLY A 88 -5.81 -28.24 6.55
C GLY A 88 -5.71 -26.81 6.09
N CYS A 89 -6.85 -26.13 6.12
CA CYS A 89 -6.95 -24.77 5.61
C CYS A 89 -7.74 -23.93 6.60
N THR A 90 -7.37 -22.66 6.69
CA THR A 90 -7.98 -21.72 7.63
C THR A 90 -8.68 -20.63 6.83
N ALA A 91 -9.97 -20.44 7.10
CA ALA A 91 -10.78 -19.47 6.38
C ALA A 91 -11.44 -18.52 7.35
N ILE A 92 -11.23 -17.21 7.13
CA ILE A 92 -11.86 -16.15 7.88
C ILE A 92 -12.84 -15.47 6.95
N VAL A 93 -14.13 -15.58 7.29
CA VAL A 93 -15.20 -14.92 6.50
C VAL A 93 -15.90 -13.92 7.43
N ARG A 94 -16.47 -12.85 6.87
CA ARG A 94 -17.23 -11.89 7.71
C ARG A 94 -18.65 -11.81 7.16
N VAL A 95 -19.66 -12.01 7.99
CA VAL A 95 -21.07 -11.85 7.52
C VAL A 95 -21.53 -10.43 7.86
N THR A 96 -22.62 -9.97 7.24
CA THR A 96 -23.17 -8.65 7.49
C THR A 96 -24.68 -8.72 7.39
N LEU A 97 -25.37 -8.40 8.48
CA LEU A 97 -26.82 -8.37 8.47
C LEU A 97 -27.31 -7.10 7.79
N THR A 98 -28.60 -7.10 7.47
CA THR A 98 -29.20 -5.93 6.84
C THR A 98 -29.15 -4.70 7.76
N SER A 99 -29.10 -4.91 9.07
CA SER A 99 -28.99 -3.83 10.03
C SER A 99 -27.56 -3.30 10.17
N GLY A 100 -26.67 -3.67 9.26
CA GLY A 100 -25.30 -3.21 9.32
C GLY A 100 -24.53 -3.73 10.52
N THR A 101 -24.87 -4.96 10.91
CA THR A 101 -24.18 -5.59 12.07
C THR A 101 -23.31 -6.74 11.58
N TYR A 102 -22.01 -6.48 11.38
CA TYR A 102 -21.09 -7.52 10.88
C TYR A 102 -20.75 -8.53 11.96
N ARG A 103 -20.24 -9.71 11.58
CA ARG A 103 -19.81 -10.72 12.58
C ARG A 103 -18.68 -11.56 11.97
N GLU A 104 -17.44 -11.33 12.40
CA GLU A 104 -16.32 -12.08 11.86
C GLU A 104 -15.97 -13.25 12.76
N ASP A 105 -15.25 -14.22 12.20
CA ASP A 105 -14.77 -15.38 12.96
C ASP A 105 -13.70 -16.08 12.14
N ILE A 106 -13.30 -17.27 12.61
CA ILE A 106 -12.27 -18.06 11.95
C ILE A 106 -12.70 -19.52 11.97
N GLY A 107 -12.57 -20.20 10.84
CA GLY A 107 -12.92 -21.60 10.74
C GLY A 107 -11.81 -22.40 10.11
N TYR A 108 -11.87 -23.72 10.31
CA TYR A 108 -10.82 -24.62 9.87
C TYR A 108 -11.42 -25.83 9.16
N GLY A 109 -10.71 -26.34 8.15
CA GLY A 109 -11.15 -27.54 7.46
C GLY A 109 -9.99 -28.43 7.03
N THR A 110 -10.06 -29.73 7.33
CA THR A 110 -8.91 -30.61 7.13
C THR A 110 -9.31 -31.86 6.36
N VAL A 111 -8.32 -32.47 5.72
CA VAL A 111 -8.49 -33.73 4.99
C VAL A 111 -7.27 -34.60 5.25
N GLU A 112 -7.49 -35.90 5.40
CA GLU A 112 -6.47 -36.82 5.93
C GLU A 112 -5.67 -37.53 4.83
N ASN A 113 -6.33 -38.34 3.99
CA ASN A 113 -5.59 -39.16 3.03
C ASN A 113 -5.64 -38.59 1.62
N GLU A 114 -6.83 -38.52 1.03
CA GLU A 114 -7.07 -37.93 -0.30
C GLU A 114 -5.98 -38.31 -1.30
N ARG A 115 -5.91 -39.61 -1.60
CA ARG A 115 -4.89 -40.11 -2.53
C ARG A 115 -5.05 -39.51 -3.93
N ARG A 116 -6.25 -39.07 -4.29
CA ARG A 116 -6.51 -38.54 -5.62
C ARG A 116 -6.08 -37.08 -5.75
N LYS A 117 -5.65 -36.46 -4.64
CA LYS A 117 -5.33 -35.04 -4.52
C LYS A 117 -6.53 -34.14 -4.80
N PRO A 118 -7.70 -34.35 -4.15
CA PRO A 118 -8.66 -33.25 -4.04
C PRO A 118 -8.47 -32.53 -2.73
N ALA A 119 -7.34 -32.81 -2.07
CA ALA A 119 -7.08 -32.26 -0.75
C ALA A 119 -7.05 -30.74 -0.77
N ALA A 120 -6.84 -30.13 -1.94
CA ALA A 120 -6.91 -28.66 -2.05
C ALA A 120 -8.33 -28.13 -2.28
N PHE A 121 -9.17 -28.96 -2.92
CA PHE A 121 -10.57 -28.58 -3.26
C PHE A 121 -11.51 -28.68 -2.05
N GLU A 122 -11.06 -29.30 -0.96
CA GLU A 122 -11.93 -29.51 0.23
C GLU A 122 -12.58 -28.19 0.64
N ARG A 123 -11.97 -27.06 0.28
CA ARG A 123 -12.43 -25.75 0.70
C ARG A 123 -13.74 -25.40 0.00
N ALA A 124 -14.50 -24.52 0.66
CA ALA A 124 -15.86 -24.11 0.31
C ALA A 124 -16.85 -25.24 0.54
N LYS A 125 -16.34 -26.43 0.91
CA LYS A 125 -17.22 -27.59 1.17
C LYS A 125 -17.00 -28.06 2.62
N LYS A 126 -15.79 -27.89 3.17
CA LYS A 126 -15.55 -28.14 4.59
C LYS A 126 -15.20 -26.86 5.34
N SER A 127 -14.16 -26.16 4.91
CA SER A 127 -13.60 -25.08 5.73
C SER A 127 -14.52 -23.88 5.80
N ALA A 128 -15.00 -23.40 4.64
CA ALA A 128 -15.83 -22.20 4.63
C ALA A 128 -17.17 -22.46 5.31
N VAL A 129 -17.72 -23.66 5.11
CA VAL A 129 -19.02 -24.02 5.75
C VAL A 129 -18.79 -24.17 7.27
N THR A 130 -17.59 -24.58 7.69
CA THR A 130 -17.30 -24.63 9.15
C THR A 130 -17.33 -23.20 9.70
N ASP A 131 -16.75 -22.24 8.95
CA ASP A 131 -16.80 -20.83 9.39
C ASP A 131 -18.24 -20.31 9.41
N ALA A 132 -19.04 -20.66 8.39
CA ALA A 132 -20.46 -20.24 8.37
C ALA A 132 -21.15 -20.79 9.62
N LEU A 133 -20.74 -21.98 10.06
CA LEU A 133 -21.34 -22.59 11.24
C LEU A 133 -20.81 -21.99 12.53
N LYS A 134 -19.50 -21.68 12.56
CA LYS A 134 -18.92 -21.05 13.73
C LYS A 134 -19.51 -19.65 13.95
N ARG A 135 -19.75 -18.92 12.86
CA ARG A 135 -20.44 -17.64 12.98
C ARG A 135 -21.84 -17.82 13.56
N SER A 136 -22.57 -18.83 13.08
CA SER A 136 -23.90 -19.09 13.63
C SER A 136 -23.84 -19.42 15.10
N LEU A 137 -22.83 -20.20 15.51
CA LEU A 137 -22.65 -20.52 16.92
C LEU A 137 -22.33 -19.28 17.73
N ARG A 138 -21.49 -18.39 17.19
CA ARG A 138 -21.06 -17.21 17.93
C ARG A 138 -22.24 -16.30 18.27
N GLY A 139 -23.11 -16.06 17.30
CA GLY A 139 -24.23 -15.18 17.52
C GLY A 139 -25.36 -15.52 16.55
N PHE A 140 -26.49 -14.84 16.76
CA PHE A 140 -27.70 -15.07 15.97
C PHE A 140 -28.10 -16.54 16.02
N GLY A 141 -28.09 -17.09 17.23
CA GLY A 141 -28.41 -18.50 17.39
C GLY A 141 -29.82 -18.84 16.93
N ASN A 142 -30.78 -17.98 17.24
CA ASN A 142 -32.17 -18.17 16.81
C ASN A 142 -32.72 -16.94 16.08
N ALA A 143 -31.92 -15.91 15.89
CA ALA A 143 -32.36 -14.72 15.17
C ALA A 143 -31.17 -13.92 14.65
N ILE B 54 -19.90 -16.64 25.72
CA ILE B 54 -20.10 -15.65 24.66
C ILE B 54 -21.58 -15.30 24.58
N ASN B 55 -22.44 -16.29 24.81
CA ASN B 55 -23.88 -16.05 24.77
C ASN B 55 -24.30 -15.04 25.84
N LEU B 56 -23.56 -14.95 26.94
CA LEU B 56 -23.86 -13.94 27.95
C LEU B 56 -23.70 -12.54 27.39
N ALA B 57 -22.71 -12.34 26.51
CA ALA B 57 -22.57 -11.06 25.84
C ALA B 57 -23.76 -10.78 24.94
N ASN B 58 -24.26 -11.81 24.25
CA ASN B 58 -25.48 -11.67 23.46
C ASN B 58 -26.70 -11.43 24.34
N GLN B 59 -26.61 -11.74 25.63
CA GLN B 59 -27.72 -11.50 26.55
C GLN B 59 -27.71 -10.07 27.07
N ILE B 60 -26.56 -9.61 27.56
CA ILE B 60 -26.49 -8.25 28.10
C ILE B 60 -26.73 -7.22 27.00
N PHE B 61 -26.11 -7.41 25.84
CA PHE B 61 -26.35 -6.55 24.69
C PHE B 61 -27.49 -7.13 23.86
N GLY B 62 -27.89 -6.39 22.83
CA GLY B 62 -28.93 -6.86 21.94
C GLY B 62 -28.42 -7.89 20.94
N TYR B 63 -29.36 -8.53 20.23
CA TYR B 63 -28.95 -9.53 19.21
C TYR B 63 -28.15 -8.82 18.12
N ASN B 64 -28.33 -7.50 17.99
CA ASN B 64 -27.59 -6.70 16.99
C ASN B 64 -26.89 -5.55 17.70
N GLY B 65 -26.37 -5.79 18.91
CA GLY B 65 -25.71 -4.75 19.67
C GLY B 65 -24.20 -4.74 19.53
N TRP B 66 -23.57 -5.89 19.76
CA TRP B 66 -22.12 -6.00 19.69
C TRP B 66 -21.71 -6.67 18.39
N SER B 67 -20.42 -6.62 18.10
CA SER B 67 -19.85 -7.22 16.90
C SER B 67 -18.55 -7.95 17.24
N THR B 68 -17.83 -8.35 16.20
CA THR B 68 -16.56 -9.05 16.35
C THR B 68 -15.78 -8.91 15.06
N GLU B 69 -14.48 -8.62 15.17
CA GLU B 69 -13.64 -8.44 13.99
C GLU B 69 -12.25 -8.96 14.33
N VAL B 70 -11.95 -10.19 13.90
CA VAL B 70 -10.62 -10.75 14.08
C VAL B 70 -9.67 -10.03 13.13
N LYS B 71 -8.89 -9.09 13.66
CA LYS B 71 -8.02 -8.29 12.82
C LYS B 71 -6.76 -9.03 12.39
N SER B 72 -6.18 -9.84 13.28
CA SER B 72 -4.92 -10.52 12.96
C SER B 72 -4.79 -11.72 13.90
N VAL B 73 -4.69 -12.90 13.32
CA VAL B 73 -4.33 -14.11 14.05
C VAL B 73 -3.03 -14.63 13.45
N VAL B 74 -2.03 -14.85 14.31
CA VAL B 74 -0.72 -15.29 13.85
C VAL B 74 -0.21 -16.38 14.78
N ILE B 75 0.42 -17.40 14.20
CA ILE B 75 0.98 -18.52 14.95
C ILE B 75 2.40 -18.15 15.38
N ASP B 76 2.73 -18.46 16.63
CA ASP B 76 4.02 -18.02 17.16
C ASP B 76 5.14 -18.98 16.79
N PHE B 77 4.96 -20.27 17.04
CA PHE B 77 6.02 -21.24 16.78
C PHE B 77 5.41 -22.58 16.40
N LEU B 78 6.28 -23.54 16.12
CA LEU B 78 5.89 -24.88 15.71
C LEU B 78 6.93 -25.87 16.21
N ASP B 79 6.49 -26.87 16.97
CA ASP B 79 7.38 -27.85 17.57
C ASP B 79 7.10 -29.23 17.00
N GLU B 80 8.16 -30.03 16.89
CA GLU B 80 8.12 -31.37 16.31
C GLU B 80 8.85 -32.35 17.22
N ARG B 81 8.48 -32.33 18.50
CA ARG B 81 9.14 -33.15 19.51
C ARG B 81 8.36 -34.44 19.71
N GLN B 82 9.05 -35.58 19.53
CA GLN B 82 8.47 -36.92 19.48
C GLN B 82 7.09 -36.94 18.82
N GLY B 83 6.95 -36.22 17.71
CA GLY B 83 5.68 -36.19 17.00
C GLY B 83 4.69 -35.22 17.58
N LYS B 84 4.77 -34.98 18.89
CA LYS B 84 3.85 -34.05 19.54
C LYS B 84 4.13 -32.62 19.08
N PHE B 85 3.06 -31.85 18.92
CA PHE B 85 3.16 -30.46 18.51
C PHE B 85 2.70 -29.57 19.66
N SER B 86 3.63 -28.69 20.07
CA SER B 86 3.37 -27.68 21.11
C SER B 86 3.39 -26.33 20.41
N ILE B 87 2.24 -25.85 19.94
CA ILE B 87 2.20 -24.58 19.15
C ILE B 87 1.40 -23.52 19.90
N GLY B 88 1.61 -22.25 19.58
CA GLY B 88 0.83 -21.17 20.20
C GLY B 88 0.35 -20.17 19.17
N CYS B 89 -0.70 -19.41 19.47
CA CYS B 89 -1.24 -18.45 18.53
C CYS B 89 -1.74 -17.21 19.27
N THR B 90 -1.58 -16.06 18.64
CA THR B 90 -2.08 -14.79 19.16
C THR B 90 -3.13 -14.24 18.22
N ALA B 91 -4.28 -13.86 18.78
CA ALA B 91 -5.40 -13.34 18.01
C ALA B 91 -5.79 -11.97 18.55
N ILE B 92 -6.13 -11.07 17.64
CA ILE B 92 -6.52 -9.70 17.98
C ILE B 92 -7.91 -9.47 17.42
N VAL B 93 -8.92 -9.50 18.28
CA VAL B 93 -10.28 -9.23 17.88
C VAL B 93 -10.67 -7.84 18.36
N ARG B 94 -11.74 -7.30 17.79
CA ARG B 94 -12.23 -5.95 18.08
C ARG B 94 -13.75 -6.02 18.09
N VAL B 95 -14.34 -5.95 19.28
CA VAL B 95 -15.79 -5.88 19.36
C VAL B 95 -16.23 -4.44 19.20
N THR B 96 -17.43 -4.25 18.64
CA THR B 96 -17.97 -2.92 18.41
C THR B 96 -19.40 -2.88 18.91
N LEU B 97 -19.65 -2.03 19.90
CA LEU B 97 -21.00 -1.85 20.41
C LEU B 97 -21.83 -1.05 19.43
N THR B 98 -23.15 -1.08 19.64
CA THR B 98 -24.05 -0.31 18.77
C THR B 98 -23.81 1.19 18.91
N SER B 99 -23.23 1.62 20.03
CA SER B 99 -22.92 3.03 20.26
C SER B 99 -21.57 3.44 19.68
N GLY B 100 -20.98 2.62 18.83
CA GLY B 100 -19.70 2.95 18.22
C GLY B 100 -18.55 3.00 19.21
N THR B 101 -18.58 2.12 20.21
CA THR B 101 -17.45 2.02 21.18
C THR B 101 -16.78 0.67 20.94
N TYR B 102 -15.44 0.62 20.97
CA TYR B 102 -14.77 -0.65 20.58
C TYR B 102 -13.77 -1.14 21.64
N ARG B 103 -13.85 -2.44 21.98
CA ARG B 103 -12.80 -2.97 22.88
C ARG B 103 -11.83 -3.77 22.00
N GLU B 104 -10.67 -3.19 21.67
CA GLU B 104 -9.65 -3.93 20.89
C GLU B 104 -8.74 -4.62 21.90
N ASP B 105 -8.29 -5.84 21.60
CA ASP B 105 -7.55 -6.62 22.57
C ASP B 105 -6.89 -7.79 21.87
N ILE B 106 -5.99 -8.47 22.59
CA ILE B 106 -5.29 -9.63 22.08
C ILE B 106 -5.37 -10.76 23.10
N GLY B 107 -5.37 -11.99 22.59
CA GLY B 107 -5.37 -13.16 23.43
C GLY B 107 -4.50 -14.25 22.85
N TYR B 108 -4.21 -15.25 23.67
CA TYR B 108 -3.26 -16.29 23.32
C TYR B 108 -3.91 -17.66 23.50
N GLY B 109 -3.47 -18.61 22.68
CA GLY B 109 -3.94 -19.98 22.78
C GLY B 109 -2.83 -20.97 22.51
N THR B 110 -2.63 -21.93 23.42
CA THR B 110 -1.53 -22.87 23.33
C THR B 110 -2.04 -24.30 23.41
N VAL B 111 -1.33 -25.21 22.75
CA VAL B 111 -1.59 -26.64 22.81
C VAL B 111 -0.26 -27.37 22.95
N GLU B 112 -0.26 -28.42 23.78
CA GLU B 112 0.99 -29.06 24.21
C GLU B 112 1.39 -30.25 23.36
N ASN B 113 0.59 -31.33 23.35
CA ASN B 113 0.98 -32.54 22.65
C ASN B 113 0.34 -32.65 21.26
N GLU B 114 -0.98 -32.77 21.20
CA GLU B 114 -1.75 -32.86 19.96
C GLU B 114 -1.06 -33.74 18.92
N ARG B 115 -0.93 -35.03 19.28
CA ARG B 115 -0.19 -35.97 18.43
C ARG B 115 -0.87 -36.15 17.07
N ARG B 116 -2.20 -36.08 17.03
CA ARG B 116 -2.94 -36.25 15.77
C ARG B 116 -2.76 -35.07 14.83
N LYS B 117 -2.13 -33.99 15.30
CA LYS B 117 -2.02 -32.69 14.64
C LYS B 117 -3.38 -32.01 14.43
N PRO B 118 -4.22 -31.87 15.47
CA PRO B 118 -5.27 -30.84 15.41
C PRO B 118 -4.76 -29.58 16.08
N ALA B 119 -3.45 -29.51 16.30
CA ALA B 119 -2.86 -28.40 17.03
C ALA B 119 -3.15 -27.07 16.36
N ALA B 120 -3.00 -27.00 15.03
CA ALA B 120 -3.32 -25.79 14.28
C ALA B 120 -4.82 -25.60 14.11
N PHE B 121 -5.62 -26.58 14.54
CA PHE B 121 -7.09 -26.51 14.34
C PHE B 121 -7.72 -25.90 15.59
N GLU B 122 -7.48 -26.52 16.75
CA GLU B 122 -8.09 -26.04 18.02
C GLU B 122 -7.58 -24.65 18.39
N ARG B 123 -6.28 -24.39 18.25
CA ARG B 123 -5.71 -23.09 18.71
C ARG B 123 -6.47 -21.92 18.07
N ALA B 124 -6.79 -22.01 16.78
CA ALA B 124 -7.38 -20.85 16.11
C ALA B 124 -8.70 -20.46 16.74
N LYS B 125 -9.54 -21.45 17.04
CA LYS B 125 -10.83 -21.15 17.63
C LYS B 125 -10.70 -20.73 19.09
N LYS B 126 -9.93 -21.47 19.88
CA LYS B 126 -9.99 -21.26 21.32
C LYS B 126 -9.16 -20.04 21.74
N SER B 127 -8.15 -19.68 20.95
CA SER B 127 -7.45 -18.42 21.20
C SER B 127 -8.35 -17.21 20.97
N ALA B 128 -9.12 -17.25 19.87
CA ALA B 128 -10.07 -16.15 19.59
C ALA B 128 -11.11 -16.09 20.71
N VAL B 129 -11.57 -17.24 21.19
CA VAL B 129 -12.57 -17.31 22.29
C VAL B 129 -11.96 -16.72 23.57
N THR B 130 -10.71 -17.09 23.87
CA THR B 130 -10.03 -16.60 25.11
C THR B 130 -9.91 -15.07 25.01
N ASP B 131 -9.67 -14.56 23.80
CA ASP B 131 -9.49 -13.13 23.62
C ASP B 131 -10.82 -12.37 23.65
N ALA B 132 -11.87 -12.95 23.08
CA ALA B 132 -13.19 -12.35 23.23
C ALA B 132 -13.61 -12.35 24.70
N LEU B 133 -13.17 -13.35 25.47
CA LEU B 133 -13.40 -13.32 26.91
C LEU B 133 -12.61 -12.20 27.59
N LYS B 134 -11.36 -12.00 27.16
CA LYS B 134 -10.57 -10.88 27.68
C LYS B 134 -11.21 -9.55 27.36
N ARG B 135 -12.02 -9.49 26.29
CA ARG B 135 -12.79 -8.27 26.04
C ARG B 135 -13.67 -7.92 27.23
N SER B 136 -14.45 -8.90 27.72
CA SER B 136 -15.28 -8.66 28.89
C SER B 136 -14.44 -8.45 30.13
N LEU B 137 -13.31 -9.16 30.23
CA LEU B 137 -12.40 -8.95 31.36
C LEU B 137 -11.90 -7.51 31.42
N ARG B 138 -11.71 -6.87 30.25
CA ARG B 138 -11.21 -5.50 30.24
C ARG B 138 -12.32 -4.49 30.47
N GLY B 139 -13.46 -4.68 29.83
CA GLY B 139 -14.54 -3.72 29.95
C GLY B 139 -15.87 -4.42 29.81
N PHE B 140 -16.94 -3.64 30.06
CA PHE B 140 -18.30 -4.17 30.05
C PHE B 140 -18.43 -5.37 30.98
N GLY B 141 -18.00 -5.19 32.23
CA GLY B 141 -18.06 -6.26 33.21
C GLY B 141 -19.47 -6.77 33.44
N ASN B 142 -20.42 -5.85 33.55
CA ASN B 142 -21.82 -6.20 33.73
C ASN B 142 -22.76 -5.50 32.76
N ALA B 143 -22.27 -4.56 31.97
CA ALA B 143 -23.10 -3.85 31.00
C ALA B 143 -22.25 -3.26 29.88
N ILE C 54 -7.65 -1.40 36.48
CA ILE C 54 -8.18 -1.27 35.13
C ILE C 54 -9.64 -0.80 35.17
N ASN C 55 -10.40 -1.36 36.12
CA ASN C 55 -11.81 -0.99 36.25
C ASN C 55 -11.98 0.45 36.70
N LEU C 56 -10.95 1.05 37.31
CA LEU C 56 -11.05 2.46 37.69
C LEU C 56 -11.20 3.34 36.46
N ALA C 57 -10.59 2.96 35.34
CA ALA C 57 -10.81 3.67 34.08
C ALA C 57 -12.26 3.56 33.64
N ASN C 58 -12.80 2.34 33.67
CA ASN C 58 -14.21 2.14 33.23
C ASN C 58 -15.16 2.74 34.27
N GLN C 59 -14.60 3.36 35.32
CA GLN C 59 -15.42 3.97 36.40
C GLN C 59 -15.38 5.50 36.28
N ILE C 60 -14.20 6.09 36.05
CA ILE C 60 -14.13 7.56 35.84
C ILE C 60 -14.89 7.91 34.56
N PHE C 61 -14.57 7.25 33.43
CA PHE C 61 -15.36 7.47 32.24
C PHE C 61 -16.57 6.54 32.24
N GLY C 62 -17.44 6.71 31.26
CA GLY C 62 -18.64 5.90 31.18
C GLY C 62 -18.39 4.52 30.59
N TYR C 63 -19.43 3.69 30.66
CA TYR C 63 -19.35 2.35 30.09
C TYR C 63 -19.14 2.39 28.58
N ASN C 64 -19.49 3.51 27.94
CA ASN C 64 -19.27 3.70 26.51
C ASN C 64 -18.47 4.98 26.26
N GLY C 65 -17.60 5.35 27.20
CA GLY C 65 -16.84 6.57 27.10
C GLY C 65 -15.47 6.42 26.49
N TRP C 66 -14.72 5.43 26.94
CA TRP C 66 -13.31 5.26 26.57
C TRP C 66 -13.11 3.93 25.85
N SER C 67 -12.27 3.97 24.83
CA SER C 67 -12.08 2.87 23.88
C SER C 67 -10.60 2.47 23.82
N THR C 68 -10.31 1.42 23.07
CA THR C 68 -8.95 0.91 22.96
C THR C 68 -8.71 0.40 21.54
N GLU C 69 -7.52 0.68 21.01
CA GLU C 69 -7.12 0.16 19.70
C GLU C 69 -5.62 -0.15 19.77
N VAL C 70 -5.29 -1.43 19.89
CA VAL C 70 -3.91 -1.86 19.95
C VAL C 70 -3.29 -1.66 18.57
N LYS C 71 -2.36 -0.71 18.45
CA LYS C 71 -1.72 -0.46 17.17
C LYS C 71 -0.77 -1.58 16.80
N SER C 72 0.26 -1.79 17.59
CA SER C 72 1.29 -2.77 17.27
C SER C 72 1.81 -3.41 18.54
N VAL C 73 1.91 -4.73 18.51
CA VAL C 73 2.50 -5.53 19.58
C VAL C 73 3.61 -6.33 18.93
N VAL C 74 4.88 -6.02 19.23
CA VAL C 74 5.99 -6.70 18.50
C VAL C 74 6.98 -7.38 19.45
N ILE C 75 7.57 -8.51 19.01
CA ILE C 75 8.59 -9.24 19.83
C ILE C 75 9.91 -8.47 19.84
N ASP C 76 10.62 -8.47 20.97
CA ASP C 76 11.95 -7.80 21.03
C ASP C 76 13.09 -8.80 20.81
N PHE C 77 13.05 -9.96 21.49
CA PHE C 77 14.15 -10.96 21.38
C PHE C 77 13.64 -12.35 21.81
N LEU C 78 14.49 -13.38 21.68
CA LEU C 78 14.08 -14.73 22.08
C LEU C 78 15.31 -15.45 22.61
N ASP C 79 15.21 -15.97 23.83
CA ASP C 79 16.34 -16.57 24.51
C ASP C 79 16.08 -18.06 24.75
N GLU C 80 17.16 -18.82 24.81
CA GLU C 80 17.11 -20.26 25.01
C GLU C 80 18.06 -20.73 26.11
N ARG C 81 18.68 -19.80 26.83
CA ARG C 81 19.74 -20.14 27.78
C ARG C 81 19.23 -21.10 28.85
N GLN C 82 19.86 -22.28 28.92
CA GLN C 82 19.46 -23.40 29.77
C GLN C 82 17.95 -23.54 29.89
N GLY C 83 17.24 -23.37 28.78
CA GLY C 83 15.80 -23.49 28.76
C GLY C 83 15.04 -22.25 29.21
N LYS C 84 15.73 -21.23 29.72
CA LYS C 84 15.06 -20.01 30.12
C LYS C 84 14.66 -19.20 28.90
N PHE C 85 13.51 -18.55 28.97
CA PHE C 85 13.01 -17.68 27.91
C PHE C 85 12.83 -16.28 28.48
N SER C 86 13.89 -15.48 28.44
CA SER C 86 13.86 -14.10 28.91
C SER C 86 13.50 -13.22 27.72
N ILE C 87 12.20 -12.99 27.52
CA ILE C 87 11.72 -12.28 26.35
C ILE C 87 10.81 -11.14 26.76
N GLY C 88 10.80 -10.09 25.93
CA GLY C 88 9.96 -8.93 26.18
C GLY C 88 9.29 -8.48 24.90
N CYS C 89 8.29 -7.61 25.08
CA CYS C 89 7.50 -7.12 23.97
C CYS C 89 7.09 -5.67 24.21
N THR C 90 6.93 -4.94 23.11
CA THR C 90 6.44 -3.57 23.14
C THR C 90 5.06 -3.51 22.52
N ALA C 91 4.12 -2.90 23.24
CA ALA C 91 2.74 -2.78 22.80
C ALA C 91 2.36 -1.30 22.78
N ILE C 92 1.65 -0.90 21.74
CA ILE C 92 1.18 0.48 21.61
C ILE C 92 -0.33 0.44 21.53
N VAL C 93 -0.99 0.87 22.59
CA VAL C 93 -2.45 0.97 22.58
C VAL C 93 -2.82 2.42 22.42
N ARG C 94 -4.02 2.67 21.89
CA ARG C 94 -4.47 4.05 21.64
C ARG C 94 -5.90 4.19 22.18
N VAL C 95 -6.04 4.88 23.31
CA VAL C 95 -7.39 5.06 23.92
C VAL C 95 -8.13 6.16 23.15
N THR C 96 -9.46 6.22 23.27
CA THR C 96 -10.24 7.28 22.60
C THR C 96 -11.43 7.62 23.49
N LEU C 97 -11.39 8.79 24.15
CA LEU C 97 -12.53 9.18 24.96
C LEU C 97 -13.73 9.51 24.07
N THR C 98 -14.89 9.64 24.70
CA THR C 98 -16.09 10.00 23.96
C THR C 98 -15.98 11.39 23.35
N SER C 99 -15.06 12.22 23.84
CA SER C 99 -14.83 13.55 23.30
C SER C 99 -13.87 13.54 22.11
N GLY C 100 -13.46 12.37 21.64
CA GLY C 100 -12.54 12.28 20.53
C GLY C 100 -11.15 12.78 20.83
N THR C 101 -10.67 12.56 22.06
CA THR C 101 -9.31 12.90 22.45
C THR C 101 -8.57 11.62 22.78
N TYR C 102 -7.48 11.38 22.05
CA TYR C 102 -6.73 10.11 22.23
C TYR C 102 -5.50 10.32 23.12
N ARG C 103 -4.80 9.23 23.45
CA ARG C 103 -3.55 9.32 24.26
C ARG C 103 -2.70 8.10 23.93
N GLU C 104 -2.13 8.06 22.72
CA GLU C 104 -1.33 6.92 22.29
C GLU C 104 -0.01 6.89 23.06
N ASP C 105 0.42 5.69 23.43
CA ASP C 105 1.67 5.54 24.17
C ASP C 105 2.18 4.11 23.95
N ILE C 106 3.33 3.81 24.55
CA ILE C 106 4.00 2.52 24.35
C ILE C 106 4.37 1.96 25.71
N GLY C 107 4.14 0.65 25.90
CA GLY C 107 4.52 -0.02 27.12
C GLY C 107 5.29 -1.29 26.84
N TYR C 108 5.98 -1.76 27.87
CA TYR C 108 6.86 -2.92 27.77
C TYR C 108 6.38 -4.03 28.71
N GLY C 109 6.58 -5.27 28.28
CA GLY C 109 6.29 -6.41 29.13
C GLY C 109 7.33 -7.50 28.97
N THR C 110 7.89 -8.00 30.08
CA THR C 110 9.01 -8.92 30.03
C THR C 110 8.79 -10.11 30.96
N VAL C 111 9.45 -11.22 30.62
CA VAL C 111 9.45 -12.44 31.42
C VAL C 111 10.85 -13.03 31.40
N GLU C 112 11.28 -13.59 32.53
CA GLU C 112 12.69 -13.96 32.73
C GLU C 112 12.99 -15.43 32.41
N ASN C 113 12.40 -16.38 33.14
CA ASN C 113 12.76 -17.78 32.97
C ASN C 113 11.74 -18.57 32.17
N GLU C 114 10.51 -18.70 32.71
CA GLU C 114 9.38 -19.32 32.03
C GLU C 114 9.73 -20.65 31.36
N ARG C 115 10.10 -21.65 32.16
CA ARG C 115 10.54 -22.93 31.61
C ARG C 115 9.44 -23.66 30.85
N ARG C 116 8.19 -23.57 31.30
CA ARG C 116 7.07 -24.29 30.69
C ARG C 116 6.73 -23.78 29.30
N LYS C 117 7.42 -22.75 28.82
CA LYS C 117 7.10 -21.96 27.63
C LYS C 117 5.73 -21.28 27.75
N PRO C 118 5.45 -20.54 28.82
CA PRO C 118 4.42 -19.48 28.76
C PRO C 118 5.00 -18.11 28.49
N ALA C 119 6.29 -18.03 28.11
CA ALA C 119 6.93 -16.74 27.89
C ALA C 119 6.20 -15.92 26.83
N ALA C 120 5.61 -16.54 25.83
CA ALA C 120 4.79 -15.84 24.86
C ALA C 120 3.33 -15.77 25.28
N PHE C 121 2.97 -16.38 26.41
CA PHE C 121 1.59 -16.39 26.89
C PHE C 121 1.27 -15.11 27.66
N GLU C 122 1.98 -14.90 28.77
CA GLU C 122 1.64 -13.85 29.72
C GLU C 122 2.33 -12.53 29.43
N ARG C 123 3.48 -12.56 28.73
CA ARG C 123 4.19 -11.30 28.36
C ARG C 123 3.21 -10.37 27.64
N ALA C 124 2.38 -10.92 26.75
CA ALA C 124 1.51 -10.06 25.96
C ALA C 124 0.54 -9.31 26.86
N LYS C 125 -0.06 -10.01 27.81
CA LYS C 125 -1.04 -9.40 28.68
C LYS C 125 -0.40 -8.37 29.61
N LYS C 126 0.74 -8.70 30.23
CA LYS C 126 1.39 -7.68 31.05
C LYS C 126 1.84 -6.49 30.23
N SER C 127 2.36 -6.72 29.02
CA SER C 127 2.77 -5.60 28.18
C SER C 127 1.59 -4.69 27.84
N ALA C 128 0.46 -5.29 27.44
CA ALA C 128 -0.70 -4.50 27.06
C ALA C 128 -1.26 -3.73 28.25
N VAL C 129 -1.33 -4.38 29.42
CA VAL C 129 -1.93 -3.68 30.61
C VAL C 129 -0.94 -2.65 31.15
N THR C 130 0.37 -2.88 30.96
CA THR C 130 1.36 -1.85 31.39
C THR C 130 1.10 -0.60 30.54
N ASP C 131 0.84 -0.79 29.24
CA ASP C 131 0.55 0.35 28.35
C ASP C 131 -0.75 1.05 28.76
N ALA C 132 -1.78 0.29 29.15
CA ALA C 132 -3.03 0.92 29.63
C ALA C 132 -2.74 1.74 30.87
N LEU C 133 -1.89 1.22 31.77
CA LEU C 133 -1.50 1.97 32.99
C LEU C 133 -0.65 3.17 32.58
N LYS C 134 0.16 3.05 31.52
CA LYS C 134 1.04 4.14 31.16
C LYS C 134 0.25 5.27 30.50
N ARG C 135 -0.83 4.93 29.80
CA ARG C 135 -1.71 5.97 29.27
C ARG C 135 -2.31 6.81 30.39
N SER C 136 -2.79 6.15 31.45
CA SER C 136 -3.33 6.87 32.59
C SER C 136 -2.25 7.70 33.28
N LEU C 137 -1.02 7.18 33.33
CA LEU C 137 0.09 7.95 33.86
C LEU C 137 0.31 9.21 33.04
N ARG C 138 0.23 9.09 31.72
CA ARG C 138 0.44 10.25 30.85
C ARG C 138 -0.63 11.31 31.08
N GLY C 139 -1.89 10.90 31.20
CA GLY C 139 -2.97 11.84 31.37
C GLY C 139 -4.19 11.15 31.92
N PHE C 140 -5.21 11.96 32.20
CA PHE C 140 -6.45 11.50 32.81
C PHE C 140 -6.20 10.83 34.16
N GLY C 141 -5.30 11.40 34.96
CA GLY C 141 -4.98 10.80 36.26
C GLY C 141 -6.19 10.75 37.17
N ASN C 142 -6.97 11.82 37.20
CA ASN C 142 -8.16 11.89 38.03
C ASN C 142 -9.43 12.16 37.23
N ALA C 143 -9.32 12.38 35.93
CA ALA C 143 -10.49 12.62 35.09
C ALA C 143 -10.18 12.35 33.62
N ILE D 54 5.37 16.70 32.22
CA ILE D 54 4.29 16.23 31.37
C ILE D 54 2.95 16.69 31.94
N ASN D 55 2.82 16.62 33.27
CA ASN D 55 1.59 17.08 33.92
C ASN D 55 1.37 18.57 33.69
N LEU D 56 2.44 19.34 33.55
CA LEU D 56 2.29 20.76 33.26
C LEU D 56 1.61 20.98 31.91
N ALA D 57 1.85 20.10 30.94
CA ALA D 57 1.14 20.20 29.67
C ALA D 57 -0.35 19.97 29.85
N ASN D 58 -0.72 19.01 30.70
CA ASN D 58 -2.14 18.80 31.01
C ASN D 58 -2.71 20.00 31.78
N GLN D 59 -1.88 20.69 32.55
CA GLN D 59 -2.36 21.84 33.30
C GLN D 59 -2.62 23.04 32.39
N ILE D 60 -1.69 23.34 31.47
CA ILE D 60 -1.85 24.52 30.64
C ILE D 60 -3.00 24.35 29.67
N PHE D 61 -3.11 23.18 29.04
CA PHE D 61 -4.25 22.88 28.19
C PHE D 61 -5.36 22.28 29.04
N GLY D 62 -6.44 21.88 28.38
CA GLY D 62 -7.53 21.22 29.06
C GLY D 62 -7.26 19.75 29.27
N TYR D 63 -8.11 19.13 30.11
CA TYR D 63 -8.02 17.69 30.32
C TYR D 63 -8.32 16.91 29.04
N ASN D 64 -8.97 17.55 28.07
CA ASN D 64 -9.23 16.97 26.76
C ASN D 64 -8.75 17.90 25.66
N GLY D 65 -7.73 18.70 25.94
CA GLY D 65 -7.24 19.70 25.01
C GLY D 65 -6.14 19.22 24.09
N TRP D 66 -5.14 18.54 24.63
CA TRP D 66 -4.02 18.06 23.84
C TRP D 66 -4.04 16.53 23.76
N SER D 67 -3.37 16.03 22.73
CA SER D 67 -3.36 14.60 22.45
C SER D 67 -1.94 14.10 22.19
N THR D 68 -1.81 12.85 21.74
CA THR D 68 -0.48 12.30 21.44
C THR D 68 -0.58 11.12 20.48
N GLU D 69 0.21 11.15 19.40
CA GLU D 69 0.17 10.06 18.39
C GLU D 69 1.61 9.62 18.08
N VAL D 70 2.13 8.64 18.83
CA VAL D 70 3.48 8.13 18.48
C VAL D 70 3.37 7.45 17.11
N LYS D 71 4.21 7.84 16.16
CA LYS D 71 4.07 7.28 14.78
C LYS D 71 5.36 6.58 14.34
N SER D 72 6.46 6.76 15.09
CA SER D 72 7.76 6.18 14.62
C SER D 72 8.73 5.91 15.78
N VAL D 73 8.68 4.70 16.36
CA VAL D 73 9.70 4.35 17.40
C VAL D 73 10.69 3.40 16.71
N VAL D 74 11.96 3.78 16.62
CA VAL D 74 12.96 2.95 15.88
C VAL D 74 14.20 2.76 16.74
N ILE D 75 14.70 1.52 16.87
CA ILE D 75 15.92 1.27 17.61
C ILE D 75 17.07 1.21 16.60
N ASP D 76 18.12 1.98 16.85
CA ASP D 76 19.13 2.19 15.80
C ASP D 76 20.26 1.18 15.90
N PHE D 77 20.83 0.99 17.10
CA PHE D 77 21.95 0.06 17.25
C PHE D 77 21.80 -0.75 18.53
N LEU D 78 22.44 -1.91 18.53
CA LEU D 78 22.41 -2.86 19.65
C LEU D 78 23.84 -3.34 19.88
N ASP D 79 24.29 -3.30 21.14
CA ASP D 79 25.66 -3.64 21.49
C ASP D 79 25.70 -4.82 22.44
N GLU D 80 26.83 -5.52 22.44
CA GLU D 80 27.05 -6.70 23.25
C GLU D 80 28.38 -6.65 24.01
N ARG D 81 28.90 -5.46 24.26
CA ARG D 81 30.24 -5.33 24.80
C ARG D 81 30.27 -5.66 26.28
N GLN D 82 31.12 -6.64 26.65
CA GLN D 82 31.18 -7.28 27.96
C GLN D 82 29.80 -7.40 28.61
N GLY D 83 28.81 -7.87 27.84
CA GLY D 83 27.48 -8.04 28.39
C GLY D 83 26.68 -6.76 28.46
N LYS D 84 27.38 -5.62 28.57
CA LYS D 84 26.71 -4.34 28.66
C LYS D 84 26.00 -4.03 27.35
N PHE D 85 24.81 -3.44 27.46
CA PHE D 85 24.02 -3.04 26.30
C PHE D 85 23.95 -1.52 26.26
N SER D 86 24.60 -0.93 25.27
CA SER D 86 24.54 0.52 25.01
C SER D 86 23.67 0.71 23.78
N ILE D 87 22.40 1.04 23.97
CA ILE D 87 21.46 1.12 22.86
C ILE D 87 20.71 2.44 22.92
N GLY D 88 20.25 2.88 21.75
CA GLY D 88 19.48 4.10 21.63
C GLY D 88 18.17 3.86 20.92
N CYS D 89 17.31 4.89 20.92
CA CYS D 89 15.98 4.77 20.27
C CYS D 89 15.51 6.18 19.88
N THR D 90 15.02 6.34 18.66
CA THR D 90 14.48 7.66 18.23
C THR D 90 12.94 7.57 18.15
N ALA D 91 12.24 8.49 18.81
CA ALA D 91 10.76 8.48 18.79
C ALA D 91 10.23 9.75 18.12
N ILE D 92 9.28 9.60 17.19
CA ILE D 92 8.63 10.73 16.55
C ILE D 92 7.15 10.67 16.92
N VAL D 93 6.64 11.72 17.59
CA VAL D 93 5.21 11.74 18.02
C VAL D 93 4.43 12.81 17.26
N ARG D 94 3.11 12.91 17.48
CA ARG D 94 2.24 13.91 16.82
C ARG D 94 1.24 14.40 17.87
N VAL D 95 0.64 15.59 17.72
CA VAL D 95 -0.40 16.03 18.70
C VAL D 95 -1.57 16.71 17.96
N THR D 96 -2.80 16.20 18.11
CA THR D 96 -3.96 16.88 17.55
C THR D 96 -4.52 17.78 18.65
N LEU D 97 -4.08 19.03 18.65
CA LEU D 97 -4.54 19.98 19.64
C LEU D 97 -6.02 20.28 19.44
N THR D 98 -6.64 20.85 20.47
CA THR D 98 -8.05 21.18 20.39
C THR D 98 -8.34 22.17 19.27
N SER D 99 -7.35 22.95 18.86
CA SER D 99 -7.46 23.87 17.74
C SER D 99 -6.92 23.28 16.45
N GLY D 100 -6.58 22.01 16.45
CA GLY D 100 -6.10 21.35 15.24
C GLY D 100 -4.74 21.82 14.76
N THR D 101 -3.81 22.02 15.69
CA THR D 101 -2.42 22.39 15.31
C THR D 101 -1.48 21.28 15.80
N TYR D 102 -0.47 20.91 14.99
CA TYR D 102 0.38 19.76 15.38
C TYR D 102 1.85 20.19 15.52
N ARG D 103 2.43 19.98 16.69
CA ARG D 103 3.87 20.29 16.81
C ARG D 103 4.65 18.98 16.72
N GLU D 104 4.68 18.34 15.54
CA GLU D 104 5.51 17.16 15.43
C GLU D 104 6.98 17.49 15.75
N ASP D 105 7.71 16.49 16.21
CA ASP D 105 9.13 16.63 16.49
C ASP D 105 9.73 15.24 16.55
N ILE D 106 10.97 15.14 17.06
CA ILE D 106 11.68 13.88 17.16
C ILE D 106 12.58 13.93 18.39
N GLY D 107 12.57 12.86 19.18
CA GLY D 107 13.40 12.77 20.35
C GLY D 107 14.20 11.48 20.37
N TYR D 108 15.24 11.48 21.20
CA TYR D 108 16.19 10.38 21.25
C TYR D 108 16.46 10.02 22.70
N GLY D 109 16.66 8.72 22.94
CA GLY D 109 17.05 8.24 24.26
C GLY D 109 18.06 7.12 24.22
N THR D 110 19.08 7.17 25.07
CA THR D 110 20.16 6.20 25.07
C THR D 110 20.40 5.64 26.48
N VAL D 111 20.90 4.40 26.52
CA VAL D 111 21.29 3.74 27.76
C VAL D 111 22.64 3.06 27.53
N GLU D 112 23.48 3.09 28.57
CA GLU D 112 24.90 2.77 28.43
C GLU D 112 25.25 1.31 28.75
N ASN D 113 25.02 0.87 29.99
CA ASN D 113 25.45 -0.47 30.39
C ASN D 113 24.31 -1.47 30.42
N GLU D 114 23.33 -1.25 31.29
CA GLU D 114 22.13 -2.10 31.41
C GLU D 114 22.49 -3.58 31.42
N ARG D 115 23.19 -4.00 32.48
CA ARG D 115 23.66 -5.37 32.57
C ARG D 115 22.51 -6.38 32.62
N ARG D 116 21.44 -6.06 33.35
CA ARG D 116 20.28 -6.96 33.45
C ARG D 116 19.46 -7.02 32.18
N LYS D 117 19.89 -6.34 31.12
CA LYS D 117 19.13 -6.12 29.89
C LYS D 117 17.76 -5.47 30.15
N PRO D 118 17.67 -4.36 30.89
CA PRO D 118 16.48 -3.52 30.79
C PRO D 118 16.71 -2.44 29.75
N ALA D 119 17.75 -2.63 28.94
CA ALA D 119 18.12 -1.62 27.95
C ALA D 119 16.99 -1.36 26.97
N ALA D 120 16.32 -2.41 26.51
CA ALA D 120 15.18 -2.26 25.62
C ALA D 120 13.89 -1.99 26.36
N PHE D 121 13.95 -1.90 27.69
CA PHE D 121 12.78 -1.72 28.54
C PHE D 121 12.45 -0.24 28.73
N GLU D 122 13.40 0.55 29.23
CA GLU D 122 13.15 1.95 29.51
C GLU D 122 13.61 2.89 28.39
N ARG D 123 14.32 2.37 27.39
CA ARG D 123 14.71 3.21 26.27
C ARG D 123 13.50 3.81 25.57
N ALA D 124 12.48 3.01 25.33
CA ALA D 124 11.33 3.49 24.59
C ALA D 124 10.54 4.51 25.39
N LYS D 125 10.27 4.20 26.66
CA LYS D 125 9.51 5.11 27.49
C LYS D 125 10.23 6.43 27.66
N LYS D 126 11.52 6.40 27.96
CA LYS D 126 12.22 7.64 28.23
C LYS D 126 12.52 8.42 26.96
N SER D 127 12.69 7.73 25.82
CA SER D 127 12.76 8.44 24.54
C SER D 127 11.44 9.13 24.22
N ALA D 128 10.32 8.45 24.45
CA ALA D 128 9.03 9.08 24.19
C ALA D 128 8.81 10.29 25.09
N VAL D 129 9.20 10.18 26.37
CA VAL D 129 8.98 11.31 27.26
C VAL D 129 9.89 12.48 26.91
N THR D 130 11.14 12.22 26.51
CA THR D 130 12.00 13.35 26.15
C THR D 130 11.55 13.98 24.84
N ASP D 131 10.95 13.20 23.95
CA ASP D 131 10.42 13.79 22.72
C ASP D 131 9.18 14.61 23.00
N ALA D 132 8.31 14.14 23.91
CA ALA D 132 7.17 14.96 24.32
C ALA D 132 7.64 16.25 24.98
N LEU D 133 8.71 16.18 25.76
CA LEU D 133 9.30 17.38 26.34
C LEU D 133 9.83 18.31 25.27
N LYS D 134 10.47 17.74 24.23
CA LYS D 134 10.94 18.55 23.12
C LYS D 134 9.79 19.23 22.38
N ARG D 135 8.61 18.62 22.40
CA ARG D 135 7.45 19.27 21.79
C ARG D 135 7.11 20.57 22.52
N SER D 136 7.16 20.56 23.85
CA SER D 136 6.97 21.80 24.60
C SER D 136 8.14 22.76 24.40
N LEU D 137 9.36 22.21 24.31
CA LEU D 137 10.53 23.05 24.14
C LEU D 137 10.47 23.83 22.82
N ARG D 138 10.02 23.17 21.76
CA ARG D 138 9.94 23.80 20.44
C ARG D 138 8.84 24.86 20.40
N GLY D 139 7.60 24.43 20.62
CA GLY D 139 6.47 25.33 20.58
C GLY D 139 5.65 25.23 21.86
N PHE D 140 4.72 26.17 22.00
CA PHE D 140 3.89 26.29 23.20
C PHE D 140 4.77 26.43 24.45
N GLY D 141 5.57 27.51 24.46
CA GLY D 141 6.46 27.72 25.59
C GLY D 141 5.73 27.90 26.90
N ASN D 142 4.64 28.66 26.89
CA ASN D 142 3.85 28.90 28.09
C ASN D 142 2.35 28.78 27.83
N ALA D 143 1.95 28.41 26.63
CA ALA D 143 0.53 28.24 26.31
C ALA D 143 0.35 27.36 25.08
N ILE E 54 14.06 29.97 16.83
CA ILE E 54 12.90 29.10 16.71
C ILE E 54 11.68 29.77 17.33
N ASN E 55 11.88 30.42 18.49
CA ASN E 55 10.79 31.13 19.14
C ASN E 55 10.30 32.31 18.31
N LEU E 56 11.16 32.87 17.45
CA LEU E 56 10.71 33.95 16.58
C LEU E 56 9.61 33.47 15.62
N ALA E 57 9.62 32.18 15.25
CA ALA E 57 8.54 31.64 14.46
C ALA E 57 7.24 31.63 15.25
N ASN E 58 7.30 31.22 16.52
CA ASN E 58 6.12 31.27 17.38
C ASN E 58 5.71 32.70 17.70
N GLN E 59 6.58 33.68 17.45
CA GLN E 59 6.25 35.07 17.69
C GLN E 59 5.62 35.75 16.48
N ILE E 60 6.22 35.54 15.30
CA ILE E 60 5.72 36.18 14.05
C ILE E 60 4.37 35.54 13.71
N PHE E 61 4.11 34.35 14.25
CA PHE E 61 2.78 33.71 14.05
C PHE E 61 2.07 33.70 15.39
N GLY E 62 0.90 33.07 15.47
CA GLY E 62 0.18 33.02 16.72
C GLY E 62 0.65 31.74 17.37
N TYR E 63 0.23 31.56 18.63
CA TYR E 63 0.59 30.35 19.37
C TYR E 63 -0.01 29.11 18.73
N ASN E 64 -1.03 29.26 17.89
CA ASN E 64 -1.61 28.18 17.11
C ASN E 64 -1.57 28.50 15.62
N GLY E 65 -0.60 29.31 15.21
CA GLY E 65 -0.53 29.78 13.84
C GLY E 65 0.14 28.83 12.88
N TRP E 66 1.32 28.34 13.23
CA TRP E 66 2.07 27.46 12.35
C TRP E 66 2.18 26.07 12.97
N SER E 67 2.40 25.08 12.11
CA SER E 67 2.48 23.69 12.54
C SER E 67 3.81 23.09 12.10
N THR E 68 3.98 21.79 12.29
CA THR E 68 5.22 21.12 11.92
C THR E 68 4.92 19.64 11.71
N GLU E 69 5.54 19.05 10.69
CA GLU E 69 5.31 17.65 10.37
C GLU E 69 6.58 17.07 9.79
N VAL E 70 7.37 16.39 10.63
CA VAL E 70 8.64 15.81 10.18
C VAL E 70 8.29 14.62 9.29
N LYS E 71 8.36 14.83 7.98
CA LYS E 71 7.97 13.78 7.05
C LYS E 71 9.00 12.65 7.03
N SER E 72 10.29 12.97 6.93
CA SER E 72 11.25 11.91 6.69
C SER E 72 12.63 12.30 7.22
N VAL E 73 13.13 11.55 8.20
CA VAL E 73 14.49 11.70 8.70
C VAL E 73 15.23 10.42 8.33
N VAL E 74 16.26 10.53 7.49
CA VAL E 74 17.05 9.37 7.10
C VAL E 74 18.53 9.68 7.28
N ILE E 75 19.26 8.69 7.80
CA ILE E 75 20.70 8.81 8.00
C ILE E 75 21.40 8.29 6.75
N ASP E 76 22.49 8.94 6.36
CA ASP E 76 23.13 8.64 5.09
C ASP E 76 24.29 7.66 5.22
N PHE E 77 25.16 7.83 6.21
CA PHE E 77 26.33 6.95 6.33
C PHE E 77 26.69 6.80 7.80
N LEU E 78 27.66 5.91 8.04
CA LEU E 78 28.13 5.58 9.39
C LEU E 78 29.61 5.27 9.31
N ASP E 79 30.42 5.99 10.08
CA ASP E 79 31.86 5.85 10.05
C ASP E 79 32.37 5.30 11.38
N GLU E 80 33.52 4.60 11.32
CA GLU E 80 34.12 3.97 12.52
C GLU E 80 35.64 4.26 12.52
N ARG E 81 36.07 5.13 11.61
CA ARG E 81 37.53 5.45 11.46
C ARG E 81 38.08 5.97 12.79
N GLN E 82 39.03 5.24 13.40
CA GLN E 82 39.66 5.63 14.69
C GLN E 82 38.59 5.85 15.77
N GLY E 83 37.54 5.03 15.74
CA GLY E 83 36.45 5.14 16.75
C GLY E 83 35.67 6.43 16.60
N LYS E 84 36.01 7.27 15.61
CA LYS E 84 35.24 8.48 15.38
C LYS E 84 34.03 8.18 14.53
N PHE E 85 32.91 8.82 14.85
CA PHE E 85 31.67 8.68 14.10
C PHE E 85 31.37 10.00 13.40
N SER E 86 31.64 10.04 12.11
CA SER E 86 31.35 11.21 11.28
C SER E 86 30.11 10.89 10.46
N ILE E 87 28.94 11.27 10.96
CA ILE E 87 27.68 10.85 10.37
C ILE E 87 26.78 12.06 10.14
N GLY E 88 25.98 11.98 9.08
CA GLY E 88 25.07 13.05 8.74
C GLY E 88 23.75 12.48 8.24
N CYS E 89 22.69 13.23 8.50
CA CYS E 89 21.34 12.82 8.16
C CYS E 89 20.64 13.95 7.42
N THR E 90 19.62 13.60 6.65
CA THR E 90 18.78 14.58 5.97
C THR E 90 17.34 14.41 6.42
N ALA E 91 16.67 15.53 6.65
CA ALA E 91 15.32 15.56 7.19
C ALA E 91 14.50 16.50 6.34
N ILE E 92 13.23 16.12 6.11
CA ILE E 92 12.28 16.97 5.33
C ILE E 92 11.15 17.33 6.30
N VAL E 93 10.70 18.59 6.32
CA VAL E 93 9.57 19.00 7.19
C VAL E 93 8.60 19.82 6.33
N ARG E 94 7.35 19.97 6.76
CA ARG E 94 6.41 20.85 6.03
C ARG E 94 5.60 21.66 7.05
N VAL E 95 6.07 22.86 7.41
CA VAL E 95 5.25 23.67 8.29
C VAL E 95 3.92 23.97 7.60
N THR E 96 2.88 24.19 8.40
CA THR E 96 1.53 24.47 7.82
C THR E 96 0.92 25.71 8.46
N LEU E 97 0.72 26.78 7.68
CA LEU E 97 0.08 28.01 8.19
C LEU E 97 -1.43 27.77 8.37
N THR E 98 -2.10 28.59 9.18
CA THR E 98 -3.56 28.47 9.39
C THR E 98 -4.29 28.53 8.05
N SER E 99 -3.91 29.47 7.17
CA SER E 99 -4.54 29.60 5.86
C SER E 99 -4.40 28.32 5.04
N GLY E 100 -3.50 27.43 5.42
CA GLY E 100 -3.30 26.18 4.72
C GLY E 100 -2.07 26.13 3.85
N THR E 101 -1.36 27.23 3.67
CA THR E 101 -0.13 27.21 2.89
C THR E 101 0.95 26.42 3.61
N TYR E 102 1.64 25.56 2.86
CA TYR E 102 2.73 24.75 3.46
C TYR E 102 4.08 25.15 2.84
N ARG E 103 5.18 24.80 3.50
CA ARG E 103 6.53 25.14 2.98
C ARG E 103 7.44 23.92 3.21
N GLU E 104 7.61 23.08 2.19
CA GLU E 104 8.39 21.87 2.38
C GLU E 104 9.84 22.16 2.02
N ASP E 105 10.77 21.58 2.77
CA ASP E 105 12.18 21.81 2.54
C ASP E 105 12.97 20.54 2.85
N ILE E 106 14.29 20.69 2.82
CA ILE E 106 15.22 19.64 3.23
C ILE E 106 16.30 20.30 4.07
N GLY E 107 16.74 19.60 5.11
CA GLY E 107 17.79 20.10 5.98
C GLY E 107 18.75 19.00 6.37
N TYR E 108 20.05 19.29 6.36
CA TYR E 108 21.06 18.27 6.62
C TYR E 108 21.81 18.61 7.91
N GLY E 109 21.97 17.61 8.77
CA GLY E 109 22.70 17.77 10.01
C GLY E 109 23.82 16.76 10.14
N THR E 110 25.03 17.22 10.44
CA THR E 110 26.22 16.38 10.44
C THR E 110 27.02 16.55 11.72
N VAL E 111 27.72 15.49 12.10
CA VAL E 111 28.64 15.50 13.24
C VAL E 111 29.92 14.78 12.82
N GLU E 112 31.04 15.18 13.43
CA GLU E 112 32.37 14.82 12.92
C GLU E 112 33.04 13.69 13.69
N ASN E 113 33.18 13.81 15.01
CA ASN E 113 33.92 12.78 15.73
C ASN E 113 33.03 11.97 16.67
N GLU E 114 32.43 12.63 17.66
CA GLU E 114 31.49 12.02 18.59
C GLU E 114 31.91 10.61 19.01
N ARG E 115 33.08 10.52 19.63
CA ARG E 115 33.71 9.23 19.88
C ARG E 115 32.89 8.31 20.77
N ARG E 116 32.22 8.85 21.79
CA ARG E 116 31.43 8.03 22.70
C ARG E 116 30.05 7.71 22.13
N LYS E 117 29.86 7.86 20.83
CA LYS E 117 28.61 7.62 20.11
C LYS E 117 27.41 8.38 20.67
N PRO E 118 27.47 9.71 20.81
CA PRO E 118 26.24 10.50 20.92
C PRO E 118 25.74 11.05 19.60
N ALA E 119 26.33 10.60 18.49
CA ALA E 119 26.05 11.20 17.19
C ALA E 119 24.58 11.07 16.82
N ALA E 120 24.00 9.88 17.04
CA ALA E 120 22.60 9.68 16.70
C ALA E 120 21.70 10.61 17.49
N PHE E 121 22.06 10.87 18.75
CA PHE E 121 21.29 11.79 19.59
C PHE E 121 21.35 13.20 19.01
N GLU E 122 22.54 13.63 18.58
CA GLU E 122 22.74 15.01 18.16
C GLU E 122 22.28 15.24 16.73
N ARG E 123 22.43 14.22 15.87
CA ARG E 123 22.17 14.40 14.45
C ARG E 123 20.72 14.78 14.18
N ALA E 124 19.78 14.16 14.89
CA ALA E 124 18.38 14.42 14.65
C ALA E 124 18.02 15.85 15.04
N LYS E 125 18.48 16.27 16.22
CA LYS E 125 18.16 17.62 16.69
C LYS E 125 18.74 18.67 15.76
N LYS E 126 20.01 18.51 15.35
CA LYS E 126 20.60 19.51 14.47
C LYS E 126 19.97 19.49 13.09
N SER E 127 19.61 18.31 12.58
CA SER E 127 18.92 18.24 11.29
C SER E 127 17.59 18.96 11.35
N ALA E 128 16.82 18.70 12.41
CA ALA E 128 15.51 19.37 12.58
C ALA E 128 15.71 20.89 12.67
N VAL E 129 16.72 21.32 13.42
CA VAL E 129 16.99 22.78 13.58
C VAL E 129 17.35 23.37 12.22
N THR E 130 18.22 22.69 11.46
CA THR E 130 18.64 23.19 10.11
C THR E 130 17.41 23.22 9.21
N ASP E 131 16.58 22.17 9.27
CA ASP E 131 15.36 22.09 8.43
C ASP E 131 14.48 23.31 8.73
N ALA E 132 14.24 23.61 10.01
CA ALA E 132 13.36 24.71 10.35
C ALA E 132 13.92 26.05 9.90
N LEU E 133 15.25 26.22 10.04
CA LEU E 133 15.88 27.44 9.52
C LEU E 133 15.74 27.54 8.01
N LYS E 134 15.85 26.40 7.31
CA LYS E 134 15.66 26.40 5.87
C LYS E 134 14.22 26.79 5.51
N ARG E 135 13.26 26.36 6.31
CA ARG E 135 11.89 26.84 6.14
C ARG E 135 11.80 28.36 6.31
N SER E 136 12.43 28.87 7.37
CA SER E 136 12.34 30.29 7.67
C SER E 136 12.94 31.13 6.55
N LEU E 137 14.09 30.70 6.01
CA LEU E 137 14.69 31.43 4.90
C LEU E 137 13.90 31.23 3.61
N ARG E 138 13.32 30.04 3.42
CA ARG E 138 12.59 29.75 2.20
C ARG E 138 11.33 30.61 2.09
N GLY E 139 10.61 30.78 3.19
CA GLY E 139 9.41 31.58 3.18
C GLY E 139 9.13 32.12 4.57
N PHE E 140 8.18 33.06 4.63
CA PHE E 140 7.83 33.74 5.87
C PHE E 140 9.04 34.39 6.53
N GLY E 141 9.87 35.06 5.75
CA GLY E 141 11.06 35.69 6.31
C GLY E 141 10.73 36.74 7.35
N ASN E 142 9.71 37.56 7.07
CA ASN E 142 9.29 38.60 8.00
C ASN E 142 7.81 38.51 8.35
N ALA E 143 7.06 37.61 7.70
CA ALA E 143 5.64 37.44 7.99
C ALA E 143 5.15 36.09 7.50
N ILE F 54 14.66 33.22 -5.16
CA ILE F 54 13.53 32.63 -4.46
C ILE F 54 12.63 33.73 -3.89
N ASN F 55 13.26 34.76 -3.32
CA ASN F 55 12.48 35.86 -2.75
C ASN F 55 11.66 36.59 -3.82
N LEU F 56 12.14 36.58 -5.08
CA LEU F 56 11.37 37.19 -6.15
C LEU F 56 10.04 36.47 -6.35
N ALA F 57 10.02 35.15 -6.15
CA ALA F 57 8.77 34.41 -6.23
C ALA F 57 7.81 34.84 -5.12
N ASN F 58 8.33 35.07 -3.92
CA ASN F 58 7.50 35.60 -2.85
C ASN F 58 7.07 37.03 -3.13
N GLN F 59 7.81 37.74 -3.99
CA GLN F 59 7.44 39.11 -4.34
C GLN F 59 6.30 39.13 -5.36
N ILE F 60 6.40 38.34 -6.43
CA ILE F 60 5.36 38.34 -7.44
C ILE F 60 4.07 37.75 -6.87
N PHE F 61 4.18 36.63 -6.18
CA PHE F 61 3.02 36.03 -5.52
C PHE F 61 2.83 36.66 -4.14
N GLY F 62 1.81 36.22 -3.42
CA GLY F 62 1.58 36.70 -2.08
C GLY F 62 2.42 35.98 -1.05
N TYR F 63 2.40 36.50 0.17
CA TYR F 63 3.09 35.84 1.27
C TYR F 63 2.50 34.48 1.58
N ASN F 64 1.25 34.25 1.18
CA ASN F 64 0.60 32.95 1.31
C ASN F 64 0.02 32.51 -0.03
N GLY F 65 0.73 32.83 -1.12
CA GLY F 65 0.24 32.54 -2.46
C GLY F 65 0.74 31.22 -3.03
N TRP F 66 2.04 31.00 -2.93
CA TRP F 66 2.64 29.79 -3.49
C TRP F 66 3.11 28.86 -2.38
N SER F 67 3.27 27.59 -2.74
CA SER F 67 3.68 26.55 -1.81
C SER F 67 4.92 25.84 -2.35
N THR F 68 5.29 24.75 -1.68
CA THR F 68 6.46 23.97 -2.04
C THR F 68 6.29 22.57 -1.49
N GLU F 69 6.70 21.56 -2.24
CA GLU F 69 6.56 20.16 -1.82
C GLU F 69 7.64 19.33 -2.50
N VAL F 70 8.70 19.01 -1.78
CA VAL F 70 9.74 18.10 -2.28
C VAL F 70 9.31 16.69 -1.91
N LYS F 71 8.88 15.92 -2.89
CA LYS F 71 8.36 14.58 -2.62
C LYS F 71 9.25 13.47 -3.15
N SER F 72 10.28 13.80 -3.93
CA SER F 72 11.17 12.77 -4.47
C SER F 72 12.56 13.40 -4.58
N VAL F 73 13.40 13.14 -3.58
CA VAL F 73 14.79 13.52 -3.58
C VAL F 73 15.61 12.24 -3.50
N VAL F 74 16.35 11.94 -4.57
CA VAL F 74 17.03 10.65 -4.69
C VAL F 74 18.46 10.90 -5.12
N ILE F 75 19.35 9.92 -4.82
CA ILE F 75 20.81 10.01 -5.15
C ILE F 75 21.16 8.96 -6.23
N ASP F 76 21.57 9.43 -7.41
CA ASP F 76 21.92 8.51 -8.53
C ASP F 76 23.21 7.70 -8.30
N PHE F 77 24.31 8.34 -7.84
CA PHE F 77 25.60 7.59 -7.72
C PHE F 77 26.46 8.04 -6.55
N LEU F 78 27.54 7.29 -6.26
CA LEU F 78 28.48 7.67 -5.16
C LEU F 78 29.92 7.29 -5.57
N ASP F 79 30.79 8.28 -5.77
CA ASP F 79 32.16 8.06 -6.23
C ASP F 79 33.15 8.46 -5.13
N GLU F 80 34.26 7.72 -5.05
CA GLU F 80 35.32 7.97 -4.03
C GLU F 80 36.66 8.01 -4.76
N ARG F 81 36.73 8.68 -5.92
CA ARG F 81 37.94 8.68 -6.72
C ARG F 81 38.99 9.56 -6.05
N GLN F 82 40.14 8.97 -5.73
CA GLN F 82 41.19 9.58 -4.91
C GLN F 82 40.61 10.48 -3.82
N GLY F 83 39.64 9.94 -3.09
CA GLY F 83 39.05 10.67 -1.99
C GLY F 83 37.98 11.67 -2.41
N LYS F 84 38.06 12.14 -3.64
CA LYS F 84 37.05 13.08 -4.14
C LYS F 84 35.71 12.39 -4.29
N PHE F 85 34.65 13.09 -3.88
CA PHE F 85 33.29 12.60 -4.01
C PHE F 85 32.58 13.41 -5.09
N SER F 86 32.43 12.77 -6.25
CA SER F 86 31.60 13.36 -7.32
C SER F 86 30.26 12.66 -7.12
N ILE F 87 29.27 13.37 -6.58
CA ILE F 87 27.92 12.77 -6.36
C ILE F 87 26.87 13.72 -6.93
N GLY F 88 25.70 13.20 -7.31
CA GLY F 88 24.62 14.06 -7.80
C GLY F 88 23.31 13.69 -7.15
N CYS F 89 22.29 14.57 -7.24
CA CYS F 89 20.98 14.21 -6.71
C CYS F 89 19.89 14.83 -7.56
N THR F 90 18.77 14.12 -7.64
CA THR F 90 17.61 14.54 -8.41
C THR F 90 16.46 14.82 -7.45
N ALA F 91 15.89 16.01 -7.54
CA ALA F 91 14.80 16.43 -6.67
C ALA F 91 13.61 16.89 -7.50
N ILE F 92 12.42 16.54 -7.03
CA ILE F 92 11.17 16.89 -7.70
C ILE F 92 10.34 17.71 -6.74
N VAL F 93 10.07 18.97 -7.10
CA VAL F 93 9.26 19.86 -6.29
C VAL F 93 7.91 20.04 -6.98
N ARG F 94 6.93 20.51 -6.21
CA ARG F 94 5.58 20.76 -6.71
C ARG F 94 5.08 22.03 -6.02
N VAL F 95 5.21 23.17 -6.71
CA VAL F 95 4.66 24.40 -6.16
C VAL F 95 3.16 24.43 -6.41
N THR F 96 2.43 25.08 -5.50
CA THR F 96 0.98 25.20 -5.61
C THR F 96 0.58 26.64 -5.41
N LEU F 97 0.00 27.23 -6.44
CA LEU F 97 -0.49 28.60 -6.34
C LEU F 97 -1.73 28.65 -5.46
N THR F 98 -2.07 29.87 -5.01
CA THR F 98 -3.28 30.04 -4.21
C THR F 98 -4.52 29.65 -5.02
N SER F 99 -4.46 29.75 -6.34
CA SER F 99 -5.57 29.36 -7.21
C SER F 99 -5.66 27.85 -7.41
N GLY F 100 -4.71 27.08 -6.89
CA GLY F 100 -4.77 25.64 -7.01
C GLY F 100 -4.14 25.05 -8.25
N THR F 101 -3.43 25.86 -9.05
CA THR F 101 -2.78 25.37 -10.25
C THR F 101 -1.34 25.00 -9.90
N TYR F 102 -1.10 23.69 -9.73
CA TYR F 102 0.25 23.22 -9.34
C TYR F 102 1.21 23.33 -10.53
N ARG F 103 2.52 23.14 -10.26
CA ARG F 103 3.54 23.12 -11.34
C ARG F 103 4.67 22.23 -10.84
N GLU F 104 4.74 20.99 -11.35
CA GLU F 104 5.75 20.03 -10.83
C GLU F 104 6.80 19.74 -11.91
N ASP F 105 8.08 19.84 -11.55
CA ASP F 105 9.18 19.59 -12.53
C ASP F 105 10.29 18.77 -11.86
N ILE F 106 11.43 18.61 -12.54
CA ILE F 106 12.51 17.78 -12.03
C ILE F 106 13.81 18.57 -12.17
N GLY F 107 14.57 18.67 -11.06
CA GLY F 107 15.84 19.41 -11.09
C GLY F 107 16.98 18.54 -10.60
N TYR F 108 18.19 18.74 -11.13
CA TYR F 108 19.34 17.88 -10.76
C TYR F 108 20.49 18.78 -10.29
N GLY F 109 21.24 18.32 -9.28
CA GLY F 109 22.44 19.06 -8.85
C GLY F 109 23.63 18.12 -8.80
N THR F 110 24.87 18.64 -8.83
CA THR F 110 26.09 17.84 -8.79
C THR F 110 27.19 18.55 -8.02
N VAL F 111 28.09 17.76 -7.44
CA VAL F 111 29.30 18.24 -6.78
C VAL F 111 30.46 17.36 -7.23
N GLU F 112 31.62 17.99 -7.44
CA GLU F 112 32.73 17.34 -8.14
C GLU F 112 33.75 16.70 -7.20
N ASN F 113 34.36 17.52 -6.34
CA ASN F 113 35.43 17.03 -5.41
C ASN F 113 34.87 16.91 -3.99
N GLU F 114 34.79 18.00 -3.23
CA GLU F 114 34.36 17.92 -1.79
C GLU F 114 34.98 16.71 -1.09
N ARG F 115 36.31 16.69 -0.93
CA ARG F 115 36.99 15.55 -0.26
C ARG F 115 36.41 15.34 1.14
N ARG F 116 35.65 16.32 1.65
CA ARG F 116 35.00 16.18 2.98
C ARG F 116 33.99 15.06 2.68
N LYS F 117 33.95 14.05 3.57
CA LYS F 117 33.01 12.91 3.43
C LYS F 117 31.56 13.36 3.29
N PRO F 118 31.01 14.34 4.07
CA PRO F 118 29.61 14.73 3.85
C PRO F 118 29.43 15.68 2.67
N ALA F 119 29.76 15.21 1.45
CA ALA F 119 29.51 16.01 0.23
C ALA F 119 28.00 15.97 0.00
N ALA F 120 27.29 15.18 0.81
CA ALA F 120 25.82 15.06 0.71
C ALA F 120 25.16 16.23 1.44
N PHE F 121 25.96 17.05 2.12
CA PHE F 121 25.39 18.16 2.93
C PHE F 121 24.67 19.18 2.05
N GLU F 122 25.26 19.63 0.94
CA GLU F 122 24.65 20.75 0.16
C GLU F 122 23.98 20.28 -1.14
N ARG F 123 24.34 19.11 -1.66
CA ARG F 123 23.74 18.57 -2.89
C ARG F 123 22.23 18.74 -2.89
N ALA F 124 21.58 18.42 -1.78
CA ALA F 124 20.12 18.49 -1.73
C ALA F 124 19.66 19.93 -1.83
N LYS F 125 20.35 20.84 -1.14
CA LYS F 125 19.96 22.23 -1.17
C LYS F 125 20.09 22.81 -2.58
N LYS F 126 21.21 22.57 -3.26
CA LYS F 126 21.35 23.15 -4.59
C LYS F 126 20.41 22.49 -5.58
N SER F 127 20.18 21.18 -5.46
CA SER F 127 19.24 20.51 -6.34
C SER F 127 17.84 21.08 -6.18
N ALA F 128 17.40 21.26 -4.93
CA ALA F 128 16.08 21.82 -4.68
C ALA F 128 15.97 23.25 -5.20
N VAL F 129 17.00 24.07 -5.01
CA VAL F 129 16.89 25.47 -5.44
C VAL F 129 16.90 25.56 -6.96
N THR F 130 17.72 24.74 -7.64
CA THR F 130 17.73 24.79 -9.09
C THR F 130 16.44 24.19 -9.65
N ASP F 131 15.81 23.30 -8.90
CA ASP F 131 14.54 22.75 -9.33
C ASP F 131 13.42 23.79 -9.18
N ALA F 132 13.47 24.60 -8.12
CA ALA F 132 12.54 25.72 -7.99
C ALA F 132 12.78 26.74 -9.11
N LEU F 133 14.04 27.00 -9.44
CA LEU F 133 14.34 27.86 -10.58
C LEU F 133 13.79 27.28 -11.88
N LYS F 134 13.85 25.95 -12.03
CA LYS F 134 13.26 25.31 -13.19
C LYS F 134 11.75 25.49 -13.23
N ARG F 135 11.10 25.45 -12.06
CA ARG F 135 9.68 25.76 -12.01
C ARG F 135 9.41 27.19 -12.46
N SER F 136 10.24 28.13 -12.02
CA SER F 136 10.08 29.51 -12.46
C SER F 136 10.25 29.62 -13.98
N LEU F 137 11.23 28.90 -14.53
CA LEU F 137 11.47 28.94 -15.97
C LEU F 137 10.31 28.34 -16.74
N ARG F 138 9.77 27.21 -16.27
CA ARG F 138 8.72 26.53 -17.01
C ARG F 138 7.46 27.37 -17.15
N GLY F 139 7.04 28.01 -16.05
CA GLY F 139 5.84 28.82 -16.09
C GLY F 139 5.93 29.92 -15.07
N PHE F 140 4.94 30.81 -15.13
CA PHE F 140 4.89 31.99 -14.26
C PHE F 140 6.17 32.81 -14.39
N GLY F 141 6.57 33.07 -15.64
CA GLY F 141 7.80 33.80 -15.87
C GLY F 141 7.78 35.19 -15.27
N ASN F 142 6.65 35.89 -15.39
CA ASN F 142 6.49 37.21 -14.81
C ASN F 142 5.26 37.31 -13.90
N ALA F 143 4.48 36.24 -13.78
CA ALA F 143 3.31 36.23 -12.92
C ALA F 143 2.89 34.81 -12.59
N ILE G 54 7.76 25.92 -24.89
CA ILE G 54 6.88 25.72 -23.76
C ILE G 54 6.08 26.98 -23.48
N ASN G 55 6.72 28.13 -23.68
CA ASN G 55 6.05 29.41 -23.46
C ASN G 55 4.83 29.57 -24.35
N LEU G 56 4.83 28.91 -25.52
CA LEU G 56 3.65 28.95 -26.38
C LEU G 56 2.44 28.33 -25.69
N ALA G 57 2.67 27.27 -24.90
CA ALA G 57 1.59 26.69 -24.11
C ALA G 57 1.09 27.67 -23.06
N ASN G 58 2.01 28.39 -22.42
CA ASN G 58 1.61 29.43 -21.47
C ASN G 58 0.92 30.60 -22.16
N GLN G 59 1.07 30.72 -23.48
CA GLN G 59 0.40 31.77 -24.24
C GLN G 59 -1.00 31.38 -24.68
N ILE G 60 -1.17 30.17 -25.23
CA ILE G 60 -2.49 29.77 -25.69
C ILE G 60 -3.32 29.57 -24.44
N PHE G 61 -2.74 28.98 -23.39
CA PHE G 61 -3.53 28.71 -22.15
C PHE G 61 -3.39 29.90 -21.22
N GLY G 62 -4.18 29.92 -20.13
CA GLY G 62 -4.04 31.00 -19.13
C GLY G 62 -2.77 30.82 -18.33
N TYR G 63 -2.27 31.89 -17.71
CA TYR G 63 -1.09 31.72 -16.82
C TYR G 63 -1.43 30.65 -15.79
N ASN G 64 -2.71 30.56 -15.40
CA ASN G 64 -3.12 29.52 -14.48
C ASN G 64 -4.06 28.53 -15.16
N GLY G 65 -3.91 28.36 -16.46
CA GLY G 65 -4.78 27.50 -17.23
C GLY G 65 -4.39 26.04 -17.22
N TRP G 66 -3.13 25.76 -17.51
CA TRP G 66 -2.62 24.40 -17.59
C TRP G 66 -1.69 24.11 -16.42
N SER G 67 -1.66 22.85 -16.02
CA SER G 67 -0.81 22.38 -14.94
C SER G 67 0.12 21.29 -15.46
N THR G 68 0.92 20.72 -14.56
CA THR G 68 1.87 19.67 -14.92
C THR G 68 2.30 18.88 -13.71
N GLU G 69 2.32 17.55 -13.80
CA GLU G 69 2.90 16.72 -12.76
C GLU G 69 3.65 15.57 -13.42
N VAL G 70 4.94 15.45 -13.08
CA VAL G 70 5.79 14.35 -13.61
C VAL G 70 5.47 13.08 -12.84
N LYS G 71 4.57 12.24 -13.38
CA LYS G 71 4.18 10.96 -12.71
C LYS G 71 5.45 10.12 -12.46
N SER G 72 6.17 9.74 -13.52
CA SER G 72 7.33 8.84 -13.34
C SER G 72 8.54 9.28 -14.17
N VAL G 73 9.76 9.07 -13.66
CA VAL G 73 11.02 9.38 -14.43
C VAL G 73 11.95 8.19 -14.21
N VAL G 74 12.13 7.32 -15.21
CA VAL G 74 12.91 6.11 -15.01
C VAL G 74 14.12 6.09 -15.94
N ILE G 75 15.21 5.45 -15.46
CA ILE G 75 16.47 5.34 -16.24
C ILE G 75 16.54 3.97 -16.93
N ASP G 76 16.60 3.96 -18.27
CA ASP G 76 16.60 2.69 -19.04
C ASP G 76 17.87 1.86 -18.85
N PHE G 77 19.07 2.47 -18.89
CA PHE G 77 20.33 1.67 -18.83
C PHE G 77 21.52 2.53 -18.37
N LEU G 78 22.74 1.96 -18.38
CA LEU G 78 23.92 2.68 -17.93
C LEU G 78 25.13 2.09 -18.65
N ASP G 79 25.81 2.91 -19.45
CA ASP G 79 26.93 2.46 -20.26
C ASP G 79 28.22 3.13 -19.79
N GLU G 80 29.33 2.38 -19.83
CA GLU G 80 30.62 2.85 -19.40
C GLU G 80 31.69 2.70 -20.48
N ARG G 81 31.28 2.74 -21.74
CA ARG G 81 32.20 2.45 -22.84
C ARG G 81 33.21 3.59 -22.99
N GLN G 82 34.50 3.25 -22.90
CA GLN G 82 35.63 4.19 -22.86
C GLN G 82 35.30 5.45 -22.07
N GLY G 83 34.64 5.30 -20.92
CA GLY G 83 34.24 6.43 -20.12
C GLY G 83 33.02 7.17 -20.63
N LYS G 84 32.67 7.02 -21.90
CA LYS G 84 31.48 7.66 -22.43
C LYS G 84 30.24 7.03 -21.82
N PHE G 85 29.23 7.86 -21.53
CA PHE G 85 27.97 7.40 -21.00
C PHE G 85 26.87 7.66 -22.02
N SER G 86 26.22 6.60 -22.47
CA SER G 86 25.09 6.68 -23.40
C SER G 86 23.87 6.16 -22.66
N ILE G 87 23.10 7.07 -22.09
CA ILE G 87 21.97 6.68 -21.25
C ILE G 87 20.73 7.45 -21.64
N GLY G 88 19.57 6.83 -21.38
CA GLY G 88 18.30 7.43 -21.71
C GLY G 88 17.30 7.20 -20.58
N CYS G 89 16.30 8.09 -20.56
CA CYS G 89 15.25 8.03 -19.56
C CYS G 89 13.89 8.19 -20.21
N THR G 90 12.88 7.59 -19.60
CA THR G 90 11.49 7.78 -20.01
C THR G 90 10.76 8.53 -18.91
N ALA G 91 10.08 9.60 -19.29
CA ALA G 91 9.35 10.45 -18.37
C ALA G 91 7.88 10.51 -18.76
N ILE G 92 7.02 10.25 -17.80
CA ILE G 92 5.57 10.31 -17.98
C ILE G 92 5.07 11.48 -17.14
N VAL G 93 4.58 12.52 -17.82
CA VAL G 93 3.94 13.67 -17.09
C VAL G 93 2.47 13.71 -17.49
N ARG G 94 1.62 14.26 -16.63
CA ARG G 94 0.20 14.45 -17.01
C ARG G 94 -0.07 15.96 -16.90
N VAL G 95 -0.51 16.58 -17.99
CA VAL G 95 -0.89 18.03 -17.90
C VAL G 95 -2.37 18.10 -17.58
N THR G 96 -2.84 19.24 -17.05
CA THR G 96 -4.23 19.37 -16.66
C THR G 96 -4.70 20.78 -16.98
N LEU G 97 -5.71 20.89 -17.85
CA LEU G 97 -6.28 22.18 -18.19
C LEU G 97 -7.16 22.68 -17.05
N THR G 98 -7.48 23.97 -17.09
CA THR G 98 -8.37 24.55 -16.08
C THR G 98 -9.77 23.96 -16.15
N SER G 99 -10.17 23.41 -17.30
CA SER G 99 -11.48 22.79 -17.45
C SER G 99 -11.55 21.40 -16.83
N GLY G 100 -10.42 20.85 -16.37
CA GLY G 100 -10.40 19.55 -15.74
C GLY G 100 -9.97 18.42 -16.64
N THR G 101 -9.89 18.67 -17.95
CA THR G 101 -9.42 17.64 -18.90
C THR G 101 -7.91 17.48 -18.79
N TYR G 102 -7.39 16.30 -19.12
CA TYR G 102 -5.94 16.03 -18.94
C TYR G 102 -5.38 15.39 -20.22
N ARG G 103 -4.06 15.37 -20.36
CA ARG G 103 -3.45 14.67 -21.53
C ARG G 103 -2.17 13.97 -21.08
N GLU G 104 -2.29 12.70 -20.65
CA GLU G 104 -1.09 11.97 -20.26
C GLU G 104 -0.38 11.42 -21.49
N ASP G 105 0.94 11.37 -21.40
CA ASP G 105 1.77 10.76 -22.44
C ASP G 105 3.14 10.50 -21.84
N ILE G 106 4.05 9.98 -22.66
CA ILE G 106 5.41 9.70 -22.22
C ILE G 106 6.38 10.24 -23.25
N GLY G 107 7.62 10.49 -22.81
CA GLY G 107 8.65 10.96 -23.68
C GLY G 107 9.99 10.35 -23.28
N TYR G 108 10.94 10.44 -24.21
CA TYR G 108 12.25 9.80 -24.02
C TYR G 108 13.37 10.81 -24.25
N GLY G 109 14.40 10.72 -23.43
CA GLY G 109 15.58 11.56 -23.61
C GLY G 109 16.87 10.80 -23.48
N THR G 110 17.77 10.95 -24.45
CA THR G 110 18.98 10.13 -24.53
C THR G 110 20.22 10.98 -24.78
N VAL G 111 21.34 10.54 -24.22
CA VAL G 111 22.64 11.19 -24.39
C VAL G 111 23.68 10.14 -24.74
N GLU G 112 24.62 10.51 -25.61
CA GLU G 112 25.52 9.54 -26.24
C GLU G 112 26.86 9.40 -25.52
N ASN G 113 27.67 10.48 -25.46
CA ASN G 113 29.00 10.36 -24.91
C ASN G 113 29.11 10.92 -23.49
N GLU G 114 28.88 12.21 -23.32
CA GLU G 114 28.89 12.90 -22.03
C GLU G 114 30.04 12.43 -21.14
N ARG G 115 31.26 12.69 -21.61
CA ARG G 115 32.45 12.22 -20.91
C ARG G 115 32.57 12.84 -19.52
N ARG G 116 32.13 14.09 -19.36
CA ARG G 116 32.16 14.77 -18.06
C ARG G 116 31.20 14.15 -17.05
N LYS G 117 30.31 13.26 -17.50
CA LYS G 117 29.16 12.71 -16.78
C LYS G 117 28.12 13.78 -16.43
N PRO G 118 27.67 14.60 -17.38
CA PRO G 118 26.39 15.30 -17.19
C PRO G 118 25.27 14.47 -17.81
N ALA G 119 25.59 13.20 -18.10
CA ALA G 119 24.62 12.33 -18.76
C ALA G 119 23.33 12.22 -17.97
N ALA G 120 23.43 12.17 -16.65
CA ALA G 120 22.24 12.18 -15.78
C ALA G 120 21.77 13.60 -15.46
N PHE G 121 22.51 14.62 -15.92
CA PHE G 121 22.15 15.99 -15.63
C PHE G 121 21.06 16.50 -16.56
N GLU G 122 21.25 16.37 -17.87
CA GLU G 122 20.33 16.91 -18.85
C GLU G 122 19.36 15.87 -19.42
N ARG G 123 19.57 14.59 -19.13
CA ARG G 123 18.64 13.57 -19.61
C ARG G 123 17.23 13.81 -19.08
N ALA G 124 17.11 14.16 -17.80
CA ALA G 124 15.79 14.34 -17.20
C ALA G 124 15.11 15.56 -17.78
N LYS G 125 15.85 16.66 -17.91
CA LYS G 125 15.26 17.88 -18.45
C LYS G 125 14.82 17.69 -19.89
N LYS G 126 15.66 17.04 -20.72
CA LYS G 126 15.25 16.83 -22.11
C LYS G 126 14.10 15.84 -22.21
N SER G 127 14.07 14.83 -21.33
CA SER G 127 12.94 13.89 -21.34
C SER G 127 11.64 14.59 -21.00
N ALA G 128 11.65 15.39 -19.93
CA ALA G 128 10.43 16.11 -19.55
C ALA G 128 10.01 17.09 -20.64
N VAL G 129 10.99 17.76 -21.26
CA VAL G 129 10.68 18.73 -22.35
C VAL G 129 10.07 17.96 -23.54
N THR G 130 10.73 16.88 -23.96
CA THR G 130 10.24 16.08 -25.12
C THR G 130 8.83 15.57 -24.83
N ASP G 131 8.55 15.23 -23.58
CA ASP G 131 7.25 14.63 -23.27
C ASP G 131 6.17 15.71 -23.21
N ALA G 132 6.49 16.90 -22.71
CA ALA G 132 5.53 18.00 -22.81
C ALA G 132 5.26 18.35 -24.27
N LEU G 133 6.30 18.31 -25.11
CA LEU G 133 6.10 18.54 -26.54
C LEU G 133 5.23 17.45 -27.16
N LYS G 134 5.42 16.20 -26.73
CA LYS G 134 4.58 15.11 -27.21
C LYS G 134 3.13 15.29 -26.79
N ARG G 135 2.90 15.83 -25.59
CA ARG G 135 1.55 16.17 -25.18
C ARG G 135 0.97 17.27 -26.09
N SER G 136 1.78 18.27 -26.40
CA SER G 136 1.32 19.35 -27.27
C SER G 136 0.93 18.83 -28.64
N LEU G 137 1.73 17.93 -29.20
CA LEU G 137 1.38 17.36 -30.51
C LEU G 137 0.18 16.42 -30.39
N ARG G 138 0.08 15.70 -29.27
CA ARG G 138 -1.02 14.75 -29.08
C ARG G 138 -2.37 15.46 -29.05
N GLY G 139 -2.44 16.59 -28.36
CA GLY G 139 -3.69 17.33 -28.26
C GLY G 139 -3.39 18.77 -27.95
N PHE G 140 -4.44 19.59 -27.98
CA PHE G 140 -4.33 21.03 -27.77
C PHE G 140 -3.38 21.67 -28.78
N GLY G 141 -3.43 21.22 -30.04
CA GLY G 141 -2.52 21.70 -31.06
C GLY G 141 -2.59 23.20 -31.27
N ASN G 142 -3.81 23.75 -31.33
CA ASN G 142 -3.99 25.18 -31.50
C ASN G 142 -4.83 25.79 -30.39
N ALA G 143 -5.38 25.00 -29.48
CA ALA G 143 -6.18 25.50 -28.37
C ALA G 143 -6.27 24.46 -27.26
N ILE H 54 -4.66 10.43 -35.22
CA ILE H 54 -4.75 10.90 -33.85
C ILE H 54 -5.58 12.19 -33.79
N ASN H 55 -5.34 13.09 -34.75
CA ASN H 55 -6.08 14.34 -34.78
C ASN H 55 -7.56 14.11 -35.04
N LEU H 56 -7.91 13.01 -35.71
CA LEU H 56 -9.31 12.70 -35.95
C LEU H 56 -10.05 12.47 -34.63
N ALA H 57 -9.35 11.93 -33.62
CA ALA H 57 -9.96 11.81 -32.30
C ALA H 57 -10.24 13.18 -31.69
N ASN H 58 -9.29 14.12 -31.82
CA ASN H 58 -9.53 15.46 -31.35
C ASN H 58 -10.57 16.20 -32.18
N GLN H 59 -10.91 15.63 -33.34
CA GLN H 59 -11.89 16.30 -34.25
C GLN H 59 -13.30 15.78 -33.94
N ILE H 60 -13.44 14.47 -33.71
CA ILE H 60 -14.77 13.91 -33.48
C ILE H 60 -15.18 14.38 -32.09
N PHE H 61 -14.24 14.40 -31.14
CA PHE H 61 -14.57 14.91 -29.79
C PHE H 61 -14.18 16.38 -29.71
N GLY H 62 -14.47 17.03 -28.59
CA GLY H 62 -14.04 18.44 -28.42
C GLY H 62 -12.57 18.47 -28.05
N TYR H 63 -11.95 19.66 -28.10
CA TYR H 63 -10.55 19.76 -27.61
C TYR H 63 -10.57 19.32 -26.15
N ASN H 64 -11.63 19.71 -25.43
CA ASN H 64 -11.77 19.31 -24.01
C ASN H 64 -12.89 18.25 -23.88
N GLY H 65 -13.05 17.37 -24.87
CA GLY H 65 -14.02 16.30 -24.75
C GLY H 65 -13.43 14.98 -24.26
N TRP H 66 -12.35 14.54 -24.89
CA TRP H 66 -11.71 13.28 -24.54
C TRP H 66 -10.40 13.53 -23.82
N SER H 67 -9.92 12.51 -23.13
CA SER H 67 -8.69 12.59 -22.35
C SER H 67 -7.85 11.35 -22.63
N THR H 68 -6.77 11.17 -21.88
CA THR H 68 -5.88 10.05 -22.07
C THR H 68 -5.08 9.84 -20.79
N GLU H 69 -4.92 8.58 -20.39
CA GLU H 69 -4.20 8.23 -19.16
C GLU H 69 -3.40 6.96 -19.42
N VAL H 70 -2.10 7.08 -19.65
CA VAL H 70 -1.24 5.93 -19.88
C VAL H 70 -1.08 5.23 -18.53
N LYS H 71 -1.85 4.16 -18.32
CA LYS H 71 -1.85 3.50 -17.03
C LYS H 71 -0.56 2.72 -16.79
N SER H 72 -0.11 1.94 -17.78
CA SER H 72 1.09 1.08 -17.53
C SER H 72 1.84 0.72 -18.82
N VAL H 73 3.14 1.03 -18.89
CA VAL H 73 3.97 0.59 -20.05
C VAL H 73 4.93 -0.48 -19.52
N VAL H 74 4.90 -1.69 -20.08
CA VAL H 74 5.74 -2.80 -19.54
C VAL H 74 6.62 -3.37 -20.67
N ILE H 75 7.93 -3.47 -20.43
CA ILE H 75 8.84 -4.10 -21.45
C ILE H 75 8.89 -5.61 -21.26
N ASP H 76 8.47 -6.36 -22.28
CA ASP H 76 8.45 -7.85 -22.21
C ASP H 76 9.85 -8.48 -22.20
N PHE H 77 10.75 -8.08 -23.12
CA PHE H 77 12.07 -8.75 -23.23
C PHE H 77 13.15 -7.81 -23.77
N LEU H 78 14.40 -8.30 -23.81
CA LEU H 78 15.52 -7.49 -24.37
C LEU H 78 16.45 -8.43 -25.17
N ASP H 79 16.96 -7.97 -26.32
CA ASP H 79 17.78 -8.80 -27.20
C ASP H 79 19.11 -8.13 -27.48
N GLU H 80 20.13 -8.95 -27.72
CA GLU H 80 21.49 -8.48 -27.96
C GLU H 80 22.12 -9.17 -29.16
N ARG H 81 21.36 -10.02 -29.86
CA ARG H 81 21.89 -10.83 -30.99
C ARG H 81 22.70 -9.97 -31.97
N GLN H 82 23.97 -10.30 -32.19
CA GLN H 82 24.86 -9.55 -33.14
C GLN H 82 24.63 -8.04 -33.04
N GLY H 83 24.40 -7.53 -31.83
CA GLY H 83 24.17 -6.11 -31.62
C GLY H 83 22.76 -5.64 -31.94
N LYS H 84 22.01 -6.38 -32.73
CA LYS H 84 20.63 -6.00 -33.03
C LYS H 84 19.77 -6.08 -31.77
N PHE H 85 18.88 -5.12 -31.61
CA PHE H 85 17.94 -5.09 -30.51
C PHE H 85 16.53 -5.28 -31.05
N SER H 86 15.93 -6.44 -30.76
CA SER H 86 14.55 -6.74 -31.14
C SER H 86 13.74 -6.76 -29.85
N ILE H 87 13.13 -5.62 -29.52
CA ILE H 87 12.44 -5.47 -28.25
C ILE H 87 11.05 -4.92 -28.47
N GLY H 88 10.17 -5.18 -27.51
CA GLY H 88 8.81 -4.70 -27.59
C GLY H 88 8.31 -4.15 -26.27
N CYS H 89 7.11 -3.57 -26.29
CA CYS H 89 6.49 -3.06 -25.07
C CYS H 89 4.98 -3.13 -25.21
N THR H 90 4.33 -3.32 -24.07
CA THR H 90 2.87 -3.32 -23.99
C THR H 90 2.44 -2.10 -23.20
N ALA H 91 1.63 -1.25 -23.83
CA ALA H 91 1.16 -0.02 -23.15
C ALA H 91 -0.34 -0.13 -22.97
N ILE H 92 -0.83 0.17 -21.78
CA ILE H 92 -2.30 0.16 -21.52
C ILE H 92 -2.67 1.62 -21.23
N VAL H 93 -3.36 2.29 -22.16
CA VAL H 93 -3.82 3.68 -21.86
C VAL H 93 -5.33 3.61 -21.62
N ARG H 94 -5.88 4.62 -20.95
CA ARG H 94 -7.36 4.67 -20.75
C ARG H 94 -7.87 6.04 -21.17
N VAL H 95 -8.80 6.08 -22.12
CA VAL H 95 -9.39 7.39 -22.51
C VAL H 95 -10.64 7.67 -21.67
N THR H 96 -11.07 8.94 -21.63
CA THR H 96 -12.23 9.37 -20.86
C THR H 96 -12.93 10.49 -21.61
N LEU H 97 -14.12 10.20 -22.13
CA LEU H 97 -14.91 11.21 -22.80
C LEU H 97 -15.50 12.19 -21.77
N THR H 98 -16.03 13.30 -22.27
CA THR H 98 -16.64 14.29 -21.39
C THR H 98 -17.86 13.73 -20.66
N SER H 99 -18.43 12.63 -21.15
CA SER H 99 -19.55 11.97 -20.51
C SER H 99 -19.12 10.97 -19.44
N GLY H 100 -17.83 10.87 -19.16
CA GLY H 100 -17.34 9.92 -18.18
C GLY H 100 -17.49 8.48 -18.58
N THR H 101 -17.30 8.19 -19.88
CA THR H 101 -17.34 6.78 -20.37
C THR H 101 -15.92 6.39 -20.76
N TYR H 102 -15.25 5.63 -19.88
CA TYR H 102 -13.84 5.25 -20.15
C TYR H 102 -13.78 4.14 -21.21
N ARG H 103 -12.63 4.01 -21.88
CA ARG H 103 -12.46 2.88 -22.84
C ARG H 103 -11.04 2.38 -22.68
N GLU H 104 -10.83 1.40 -21.78
CA GLU H 104 -9.43 0.97 -21.52
C GLU H 104 -9.06 -0.20 -22.42
N ASP H 105 -7.82 -0.24 -22.89
CA ASP H 105 -7.38 -1.32 -23.78
C ASP H 105 -5.87 -1.44 -23.68
N ILE H 106 -5.31 -2.33 -24.50
CA ILE H 106 -3.88 -2.64 -24.48
C ILE H 106 -3.37 -2.66 -25.91
N GLY H 107 -2.19 -2.07 -26.14
CA GLY H 107 -1.54 -2.13 -27.42
C GLY H 107 -0.08 -2.54 -27.31
N TYR H 108 0.52 -2.91 -28.45
CA TYR H 108 1.92 -3.44 -28.43
C TYR H 108 2.72 -2.89 -29.61
N GLY H 109 3.96 -2.43 -29.36
CA GLY H 109 4.84 -1.98 -30.47
C GLY H 109 6.19 -2.67 -30.38
N THR H 110 6.69 -3.24 -31.48
CA THR H 110 7.96 -4.02 -31.42
C THR H 110 8.98 -3.52 -32.46
N VAL H 111 10.28 -3.60 -32.16
CA VAL H 111 11.34 -3.17 -33.11
C VAL H 111 12.14 -4.43 -33.47
N GLU H 112 12.90 -4.42 -34.57
CA GLU H 112 13.58 -5.67 -35.01
C GLU H 112 15.11 -5.56 -34.95
N ASN H 113 15.72 -4.52 -35.50
CA ASN H 113 17.17 -4.45 -35.55
C ASN H 113 17.75 -3.32 -34.70
N GLU H 114 17.44 -2.06 -35.07
CA GLU H 114 17.85 -0.87 -34.32
C GLU H 114 19.29 -0.92 -33.82
N ARG H 115 20.26 -0.96 -34.74
CA ARG H 115 21.66 -1.06 -34.33
C ARG H 115 22.10 0.11 -33.46
N ARG H 116 21.63 1.33 -33.77
CA ARG H 116 22.02 2.52 -33.03
C ARG H 116 21.50 2.52 -31.60
N LYS H 117 20.61 1.58 -31.27
CA LYS H 117 19.84 1.50 -30.03
C LYS H 117 18.89 2.68 -29.85
N PRO H 118 18.03 3.00 -30.85
CA PRO H 118 16.79 3.72 -30.52
C PRO H 118 15.69 2.71 -30.27
N ALA H 119 16.10 1.46 -30.06
CA ALA H 119 15.14 0.38 -29.85
C ALA H 119 14.23 0.62 -28.66
N ALA H 120 14.72 1.34 -27.64
CA ALA H 120 13.89 1.76 -26.52
C ALA H 120 13.32 3.15 -26.73
N PHE H 121 13.62 3.79 -27.86
CA PHE H 121 13.19 5.17 -28.14
C PHE H 121 11.82 5.19 -28.80
N GLU H 122 11.68 4.52 -29.94
CA GLU H 122 10.45 4.56 -30.72
C GLU H 122 9.47 3.45 -30.36
N ARG H 123 9.93 2.42 -29.65
CA ARG H 123 9.01 1.34 -29.27
C ARG H 123 7.89 1.87 -28.39
N ALA H 124 8.22 2.73 -27.43
CA ALA H 124 7.21 3.20 -26.49
C ALA H 124 6.20 4.10 -27.17
N LYS H 125 6.68 5.06 -27.97
CA LYS H 125 5.77 5.95 -28.67
C LYS H 125 4.89 5.19 -29.64
N LYS H 126 5.46 4.26 -30.41
CA LYS H 126 4.62 3.54 -31.36
C LYS H 126 3.62 2.64 -30.64
N SER H 127 4.02 2.06 -29.50
CA SER H 127 3.09 1.23 -28.73
C SER H 127 1.94 2.06 -28.18
N ALA H 128 2.24 3.23 -27.62
CA ALA H 128 1.17 4.10 -27.13
C ALA H 128 0.25 4.53 -28.25
N VAL H 129 0.81 4.83 -29.42
CA VAL H 129 -0.01 5.24 -30.56
C VAL H 129 -0.92 4.10 -31.01
N THR H 130 -0.39 2.88 -31.13
CA THR H 130 -1.23 1.79 -31.62
C THR H 130 -2.27 1.40 -30.58
N ASP H 131 -1.98 1.63 -29.30
CA ASP H 131 -3.00 1.34 -28.29
C ASP H 131 -4.09 2.41 -28.32
N ALA H 132 -3.73 3.67 -28.51
CA ALA H 132 -4.75 4.71 -28.69
C ALA H 132 -5.61 4.40 -29.91
N LEU H 133 -4.99 3.89 -30.97
CA LEU H 133 -5.76 3.49 -32.16
C LEU H 133 -6.65 2.30 -31.85
N LYS H 134 -6.15 1.33 -31.08
CA LYS H 134 -6.95 0.17 -30.70
C LYS H 134 -8.15 0.59 -29.87
N ARG H 135 -8.03 1.67 -29.11
CA ARG H 135 -9.18 2.19 -28.37
C ARG H 135 -10.29 2.62 -29.32
N SER H 136 -9.93 3.33 -30.40
CA SER H 136 -10.93 3.72 -31.39
C SER H 136 -11.47 2.50 -32.13
N LEU H 137 -10.62 1.50 -32.36
CA LEU H 137 -11.09 0.26 -32.95
C LEU H 137 -12.15 -0.40 -32.06
N ARG H 138 -11.95 -0.30 -30.74
CA ARG H 138 -12.92 -0.88 -29.78
C ARG H 138 -14.23 -0.09 -29.80
N GLY H 139 -14.16 1.24 -29.70
CA GLY H 139 -15.38 2.06 -29.63
C GLY H 139 -15.15 3.46 -30.15
N PHE H 140 -16.22 4.23 -30.40
CA PHE H 140 -16.13 5.64 -30.88
C PHE H 140 -15.65 5.67 -32.34
N GLY H 141 -15.84 4.56 -33.07
CA GLY H 141 -15.51 4.47 -34.48
C GLY H 141 -15.89 5.71 -35.27
N ASN H 142 -17.15 6.15 -35.13
CA ASN H 142 -17.63 7.34 -35.82
C ASN H 142 -18.17 8.39 -34.85
N ALA H 143 -18.16 8.12 -33.55
CA ALA H 143 -18.64 9.07 -32.56
C ALA H 143 -18.08 8.78 -31.18
N ILE I 54 -17.60 -7.43 -31.34
CA ILE I 54 -17.45 -6.35 -30.37
C ILE I 54 -18.36 -5.18 -30.74
N ASN I 55 -18.46 -4.90 -32.05
CA ASN I 55 -19.32 -3.81 -32.50
C ASN I 55 -20.78 -4.08 -32.17
N LEU I 56 -21.18 -5.35 -32.08
CA LEU I 56 -22.56 -5.66 -31.70
C LEU I 56 -22.85 -5.20 -30.28
N ALA I 57 -21.84 -5.25 -29.40
CA ALA I 57 -22.01 -4.70 -28.05
C ALA I 57 -22.21 -3.20 -28.11
N ASN I 58 -21.47 -2.51 -28.98
CA ASN I 58 -21.66 -1.08 -29.14
C ASN I 58 -23.02 -0.77 -29.76
N GLN I 59 -23.61 -1.73 -30.49
CA GLN I 59 -24.92 -1.51 -31.08
C GLN I 59 -26.04 -1.72 -30.08
N ILE I 60 -26.00 -2.81 -29.30
CA ILE I 60 -27.07 -3.07 -28.35
C ILE I 60 -27.12 -2.00 -27.28
N PHE I 61 -25.96 -1.61 -26.74
CA PHE I 61 -25.89 -0.52 -25.79
C PHE I 61 -25.67 0.80 -26.53
N GLY I 62 -25.58 1.89 -25.78
CA GLY I 62 -25.34 3.18 -26.37
C GLY I 62 -23.89 3.38 -26.71
N TYR I 63 -23.63 4.45 -27.48
CA TYR I 63 -22.26 4.79 -27.84
C TYR I 63 -21.45 5.21 -26.63
N ASN I 64 -22.10 5.58 -25.53
CA ASN I 64 -21.44 5.97 -24.30
C ASN I 64 -22.04 5.21 -23.11
N GLY I 65 -22.62 4.05 -23.38
CA GLY I 65 -23.29 3.29 -22.34
C GLY I 65 -22.45 2.20 -21.71
N TRP I 66 -21.63 1.53 -22.52
CA TRP I 66 -20.84 0.40 -22.07
C TRP I 66 -19.35 0.74 -22.11
N SER I 67 -18.67 0.41 -21.02
CA SER I 67 -17.28 0.79 -20.77
C SER I 67 -16.43 -0.46 -20.63
N THR I 68 -15.11 -0.26 -20.53
CA THR I 68 -14.17 -1.36 -20.40
C THR I 68 -13.05 -0.96 -19.48
N GLU I 69 -12.59 -1.89 -18.65
CA GLU I 69 -11.48 -1.64 -17.72
C GLU I 69 -10.62 -2.90 -17.64
N VAL I 70 -9.56 -2.95 -18.43
CA VAL I 70 -8.64 -4.08 -18.38
C VAL I 70 -7.89 -4.03 -17.06
N LYS I 71 -8.17 -4.99 -16.18
CA LYS I 71 -7.65 -4.92 -14.82
C LYS I 71 -6.41 -5.78 -14.59
N SER I 72 -6.33 -6.96 -15.21
CA SER I 72 -5.17 -7.81 -14.92
C SER I 72 -4.84 -8.68 -16.12
N VAL I 73 -3.75 -8.36 -16.81
CA VAL I 73 -3.23 -9.19 -17.89
C VAL I 73 -1.92 -9.79 -17.43
N VAL I 74 -1.83 -11.12 -17.44
CA VAL I 74 -0.68 -11.83 -16.90
C VAL I 74 -0.39 -12.90 -17.94
N ILE I 75 0.91 -13.11 -18.24
CA ILE I 75 1.28 -14.24 -19.15
C ILE I 75 1.76 -15.36 -18.21
N ASP I 76 1.34 -16.60 -18.43
CA ASP I 76 1.64 -17.67 -17.46
C ASP I 76 2.98 -18.35 -17.72
N PHE I 77 3.39 -18.51 -19.00
CA PHE I 77 4.63 -19.28 -19.29
C PHE I 77 5.32 -18.86 -20.60
N LEU I 78 6.58 -19.28 -20.78
CA LEU I 78 7.33 -18.98 -22.04
C LEU I 78 8.09 -20.22 -22.50
N ASP I 79 7.91 -20.65 -23.77
CA ASP I 79 8.55 -21.83 -24.32
C ASP I 79 9.47 -21.44 -25.47
N GLU I 80 10.58 -22.19 -25.59
CA GLU I 80 11.59 -21.96 -26.62
C GLU I 80 11.85 -23.21 -27.44
N ARG I 81 10.86 -24.11 -27.55
CA ARG I 81 11.11 -25.43 -28.10
C ARG I 81 11.29 -25.34 -29.61
N GLN I 82 12.46 -25.78 -30.09
CA GLN I 82 13.01 -25.47 -31.42
C GLN I 82 12.70 -24.04 -31.84
N GLY I 83 12.84 -23.08 -30.91
CA GLY I 83 12.56 -21.70 -31.21
C GLY I 83 11.09 -21.34 -31.26
N LYS I 84 10.20 -22.31 -31.42
CA LYS I 84 8.78 -22.03 -31.42
C LYS I 84 8.35 -21.55 -30.04
N PHE I 85 7.46 -20.56 -30.01
CA PHE I 85 6.94 -20.00 -28.76
C PHE I 85 5.48 -20.40 -28.62
N SER I 86 5.21 -21.33 -27.72
CA SER I 86 3.85 -21.74 -27.38
C SER I 86 3.49 -21.10 -26.05
N ILE I 87 3.07 -19.83 -26.10
CA ILE I 87 2.83 -19.09 -24.84
C ILE I 87 1.34 -18.83 -24.66
N GLY I 88 0.93 -18.44 -23.45
CA GLY I 88 -0.48 -18.13 -23.18
C GLY I 88 -0.58 -16.87 -22.35
N CYS I 89 -1.76 -16.23 -22.35
CA CYS I 89 -1.95 -15.02 -21.51
C CYS I 89 -3.33 -15.07 -20.86
N THR I 90 -3.45 -14.62 -19.61
CA THR I 90 -4.78 -14.56 -18.94
C THR I 90 -5.14 -13.09 -18.71
N ALA I 91 -6.35 -12.67 -19.12
CA ALA I 91 -6.77 -11.28 -19.00
C ALA I 91 -8.10 -11.22 -18.28
N ILE I 92 -8.15 -10.34 -17.26
CA ILE I 92 -9.39 -10.15 -16.46
C ILE I 92 -9.83 -8.69 -16.69
N VAL I 93 -11.01 -8.47 -17.27
CA VAL I 93 -11.50 -7.07 -17.43
C VAL I 93 -12.91 -6.96 -16.82
N ARG I 94 -13.29 -5.75 -16.39
CA ARG I 94 -14.68 -5.56 -15.90
C ARG I 94 -15.34 -4.50 -16.79
N VAL I 95 -16.50 -4.82 -17.36
CA VAL I 95 -17.25 -3.81 -18.17
C VAL I 95 -18.16 -3.04 -17.23
N THR I 96 -18.70 -1.90 -17.66
CA THR I 96 -19.62 -1.14 -16.84
C THR I 96 -20.71 -0.55 -17.73
N LEU I 97 -21.96 -0.87 -17.43
CA LEU I 97 -23.07 -0.31 -18.15
C LEU I 97 -23.37 1.10 -17.66
N THR I 98 -24.20 1.82 -18.42
CA THR I 98 -24.59 3.15 -18.00
C THR I 98 -25.38 3.13 -16.70
N SER I 99 -26.00 1.99 -16.38
CA SER I 99 -26.75 1.82 -15.14
C SER I 99 -25.87 1.46 -13.96
N GLY I 100 -24.55 1.54 -14.11
CA GLY I 100 -23.66 1.23 -13.01
C GLY I 100 -23.66 -0.22 -12.61
N THR I 101 -23.82 -1.13 -13.57
CA THR I 101 -23.76 -2.56 -13.32
C THR I 101 -22.53 -3.12 -14.03
N TYR I 102 -21.68 -3.79 -13.26
CA TYR I 102 -20.44 -4.38 -13.84
C TYR I 102 -20.67 -5.86 -14.19
N ARG I 103 -19.74 -6.46 -14.93
CA ARG I 103 -19.83 -7.90 -15.26
C ARG I 103 -18.40 -8.40 -15.45
N GLU I 104 -17.72 -8.72 -14.34
CA GLU I 104 -16.29 -9.10 -14.44
C GLU I 104 -16.16 -10.57 -14.84
N ASP I 105 -15.08 -10.91 -15.54
CA ASP I 105 -14.83 -12.27 -15.98
C ASP I 105 -13.33 -12.45 -16.17
N ILE I 106 -12.97 -13.54 -16.84
CA ILE I 106 -11.56 -13.86 -17.08
C ILE I 106 -11.47 -14.70 -18.36
N GLY I 107 -10.55 -14.32 -19.24
CA GLY I 107 -10.38 -15.00 -20.50
C GLY I 107 -8.92 -15.35 -20.76
N TYR I 108 -8.69 -16.22 -21.75
CA TYR I 108 -7.31 -16.71 -22.01
C TYR I 108 -7.01 -16.71 -23.52
N GLY I 109 -5.81 -16.26 -23.90
CA GLY I 109 -5.40 -16.30 -25.33
C GLY I 109 -4.08 -17.02 -25.49
N THR I 110 -3.97 -18.00 -26.40
CA THR I 110 -2.77 -18.81 -26.54
C THR I 110 -2.33 -18.92 -28.00
N VAL I 111 -1.02 -19.06 -28.19
CA VAL I 111 -0.42 -19.27 -29.50
C VAL I 111 0.61 -20.39 -29.39
N GLU I 112 0.90 -21.03 -30.52
CA GLU I 112 1.62 -22.30 -30.53
C GLU I 112 3.04 -22.20 -31.08
N ASN I 113 3.22 -21.74 -32.32
CA ASN I 113 4.56 -21.73 -32.91
C ASN I 113 5.20 -20.35 -32.90
N GLU I 114 4.60 -19.39 -33.60
CA GLU I 114 5.07 -18.00 -33.67
C GLU I 114 6.59 -17.89 -33.82
N ARG I 115 7.13 -18.39 -34.93
CA ARG I 115 8.58 -18.40 -35.11
C ARG I 115 9.16 -16.98 -35.15
N ARG I 116 8.43 -16.03 -35.74
CA ARG I 116 8.89 -14.65 -35.84
C ARG I 116 8.90 -13.94 -34.49
N LYS I 117 8.34 -14.57 -33.46
CA LYS I 117 8.05 -14.02 -32.13
C LYS I 117 7.03 -12.89 -32.17
N PRO I 118 5.85 -13.08 -32.79
CA PRO I 118 4.71 -12.22 -32.45
C PRO I 118 3.89 -12.88 -31.35
N ALA I 119 4.48 -13.89 -30.71
CA ALA I 119 3.78 -14.63 -29.67
C ALA I 119 3.32 -13.70 -28.55
N ALA I 120 4.11 -12.70 -28.21
CA ALA I 120 3.71 -11.69 -27.24
C ALA I 120 2.90 -10.56 -27.87
N PHE I 121 2.74 -10.57 -29.19
CA PHE I 121 2.03 -9.52 -29.90
C PHE I 121 0.51 -9.76 -29.91
N GLU I 122 0.08 -10.87 -30.49
CA GLU I 122 -1.36 -11.14 -30.63
C GLU I 122 -1.96 -11.84 -29.43
N ARG I 123 -1.14 -12.30 -28.49
CA ARG I 123 -1.67 -12.95 -27.30
C ARG I 123 -2.56 -12.01 -26.49
N ALA I 124 -2.11 -10.78 -26.28
CA ALA I 124 -2.88 -9.84 -25.47
C ALA I 124 -4.16 -9.43 -26.18
N LYS I 125 -4.06 -9.17 -27.48
CA LYS I 125 -5.24 -8.79 -28.25
C LYS I 125 -6.27 -9.90 -28.23
N LYS I 126 -5.85 -11.13 -28.47
CA LYS I 126 -6.81 -12.23 -28.50
C LYS I 126 -7.36 -12.54 -27.12
N SER I 127 -6.53 -12.38 -26.07
CA SER I 127 -7.03 -12.59 -24.72
C SER I 127 -8.09 -11.56 -24.34
N ALA I 128 -7.84 -10.28 -24.62
CA ALA I 128 -8.85 -9.26 -24.37
C ALA I 128 -10.11 -9.49 -25.18
N VAL I 129 -9.96 -9.87 -26.46
CA VAL I 129 -11.13 -10.11 -27.30
C VAL I 129 -11.96 -11.27 -26.77
N THR I 130 -11.31 -12.39 -26.42
CA THR I 130 -12.06 -13.55 -25.96
C THR I 130 -12.65 -13.30 -24.57
N ASP I 131 -12.04 -12.41 -23.79
CA ASP I 131 -12.59 -12.11 -22.48
C ASP I 131 -13.81 -11.19 -22.61
N ALA I 132 -13.77 -10.26 -23.57
CA ALA I 132 -14.99 -9.50 -23.86
C ALA I 132 -16.10 -10.41 -24.37
N LEU I 133 -15.74 -11.38 -25.21
CA LEU I 133 -16.72 -12.37 -25.66
C LEU I 133 -17.28 -13.17 -24.49
N LYS I 134 -16.42 -13.52 -23.53
CA LYS I 134 -16.89 -14.22 -22.33
C LYS I 134 -17.82 -13.36 -21.49
N ARG I 135 -17.58 -12.04 -21.45
CA ARG I 135 -18.53 -11.15 -20.79
C ARG I 135 -19.87 -11.16 -21.51
N SER I 136 -19.84 -11.13 -22.84
CA SER I 136 -21.09 -11.20 -23.61
C SER I 136 -21.83 -12.50 -23.32
N LEU I 137 -21.10 -13.62 -23.28
CA LEU I 137 -21.71 -14.90 -22.97
C LEU I 137 -22.27 -14.91 -21.54
N ARG I 138 -21.54 -14.30 -20.62
CA ARG I 138 -21.96 -14.27 -19.19
C ARG I 138 -23.32 -13.55 -19.05
N GLY I 139 -23.39 -12.31 -19.54
CA GLY I 139 -24.63 -11.52 -19.41
C GLY I 139 -24.82 -10.60 -20.61
N PHE I 140 -26.01 -10.02 -20.77
CA PHE I 140 -26.29 -9.05 -21.87
C PHE I 140 -26.32 -9.81 -23.21
N GLY I 141 -26.64 -11.11 -23.16
CA GLY I 141 -26.78 -11.95 -24.34
C GLY I 141 -27.50 -11.26 -25.48
N ASN I 142 -28.69 -10.71 -25.18
CA ASN I 142 -29.46 -9.97 -26.18
C ASN I 142 -29.74 -8.53 -25.74
N ALA I 143 -29.31 -8.14 -24.55
CA ALA I 143 -29.53 -6.78 -24.06
C ALA I 143 -28.52 -6.43 -22.97
N ILE J 54 -26.16 -20.66 -15.75
CA ILE J 54 -25.75 -19.28 -15.56
C ILE J 54 -26.85 -18.33 -16.04
N ASN J 55 -27.47 -18.67 -17.17
CA ASN J 55 -28.56 -17.85 -17.70
C ASN J 55 -29.74 -17.83 -16.75
N LEU J 56 -29.92 -18.88 -15.95
CA LEU J 56 -31.00 -18.89 -14.96
C LEU J 56 -30.81 -17.78 -13.93
N ALA J 57 -29.55 -17.44 -13.61
CA ALA J 57 -29.30 -16.28 -12.75
C ALA J 57 -29.74 -14.99 -13.41
N ASN J 58 -29.45 -14.84 -14.72
CA ASN J 58 -29.91 -13.66 -15.44
C ASN J 58 -31.43 -13.65 -15.60
N GLN J 59 -32.09 -14.79 -15.40
CA GLN J 59 -33.55 -14.83 -15.50
C GLN J 59 -34.21 -14.50 -14.16
N ILE J 60 -33.69 -15.08 -13.07
CA ILE J 60 -34.33 -14.85 -11.77
C ILE J 60 -34.23 -13.39 -11.36
N PHE J 61 -33.07 -12.76 -11.58
CA PHE J 61 -32.93 -11.34 -11.37
C PHE J 61 -33.01 -10.62 -12.72
N GLY J 62 -32.94 -9.29 -12.67
CA GLY J 62 -33.03 -8.50 -13.89
C GLY J 62 -31.76 -8.52 -14.71
N TYR J 63 -31.87 -7.95 -15.91
CA TYR J 63 -30.71 -7.88 -16.79
C TYR J 63 -29.62 -6.98 -16.24
N ASN J 64 -29.97 -6.07 -15.32
CA ASN J 64 -29.01 -5.18 -14.68
C ASN J 64 -29.16 -5.23 -13.16
N GLY J 65 -29.53 -6.38 -12.62
CA GLY J 65 -29.75 -6.53 -11.20
C GLY J 65 -28.64 -7.24 -10.47
N TRP J 66 -27.95 -8.14 -11.16
CA TRP J 66 -26.94 -9.00 -10.56
C TRP J 66 -25.60 -8.83 -11.27
N SER J 67 -24.54 -8.73 -10.46
CA SER J 67 -23.21 -8.38 -10.98
C SER J 67 -22.18 -9.44 -10.62
N THR J 68 -20.96 -9.28 -11.13
CA THR J 68 -19.87 -10.27 -10.87
C THR J 68 -18.56 -9.52 -10.67
N GLU J 69 -17.76 -9.91 -9.68
CA GLU J 69 -16.45 -9.27 -9.43
C GLU J 69 -15.44 -10.36 -9.09
N VAL J 70 -14.71 -10.87 -10.09
CA VAL J 70 -13.71 -11.90 -9.82
C VAL J 70 -12.59 -11.28 -8.99
N LYS J 71 -12.49 -11.71 -7.74
CA LYS J 71 -11.55 -11.12 -6.79
C LYS J 71 -10.19 -11.79 -6.82
N SER J 72 -10.12 -13.11 -6.67
CA SER J 72 -8.79 -13.76 -6.57
C SER J 72 -8.72 -15.10 -7.29
N VAL J 73 -7.97 -15.19 -8.39
CA VAL J 73 -7.76 -16.51 -9.04
C VAL J 73 -6.33 -16.96 -8.71
N VAL J 74 -6.20 -18.08 -8.00
CA VAL J 74 -4.85 -18.57 -7.56
C VAL J 74 -4.62 -19.96 -8.14
N ILE J 75 -3.49 -20.18 -8.81
CA ILE J 75 -3.16 -21.54 -9.33
C ILE J 75 -2.55 -22.34 -8.17
N ASP J 76 -3.11 -23.51 -7.85
CA ASP J 76 -2.59 -24.25 -6.68
C ASP J 76 -1.24 -24.93 -6.94
N PHE J 77 -1.05 -25.60 -8.10
CA PHE J 77 0.20 -26.38 -8.33
C PHE J 77 0.43 -26.65 -9.82
N LEU J 78 1.54 -27.31 -10.17
CA LEU J 78 1.86 -27.60 -11.59
C LEU J 78 2.44 -29.00 -11.70
N ASP J 79 1.95 -29.82 -12.63
CA ASP J 79 2.41 -31.19 -12.78
C ASP J 79 3.00 -31.41 -14.18
N GLU J 80 4.06 -32.21 -14.24
CA GLU J 80 4.76 -32.49 -15.48
C GLU J 80 4.86 -33.98 -15.76
N ARG J 81 4.04 -34.81 -15.11
CA ARG J 81 4.21 -36.25 -15.17
C ARG J 81 3.80 -36.77 -16.55
N GLN J 82 4.72 -37.48 -17.22
CA GLN J 82 4.58 -37.94 -18.61
C GLN J 82 3.90 -36.89 -19.49
N GLY J 83 4.23 -35.61 -19.30
CA GLY J 83 3.59 -34.54 -20.04
C GLY J 83 2.20 -34.18 -19.58
N LYS J 84 1.53 -35.04 -18.81
CA LYS J 84 0.21 -34.73 -18.30
C LYS J 84 0.29 -33.58 -17.30
N PHE J 85 -0.69 -32.69 -17.35
CA PHE J 85 -0.79 -31.57 -16.43
C PHE J 85 -2.05 -31.76 -15.58
N SER J 86 -1.87 -32.17 -14.34
CA SER J 86 -2.97 -32.29 -13.38
C SER J 86 -2.90 -31.08 -12.47
N ILE J 87 -3.62 -30.03 -12.84
CA ILE J 87 -3.50 -28.74 -12.15
C ILE J 87 -4.87 -28.31 -11.65
N GLY J 88 -4.86 -27.55 -10.56
CA GLY J 88 -6.08 -27.04 -9.98
C GLY J 88 -5.98 -25.55 -9.74
N CYS J 89 -7.13 -24.91 -9.68
CA CYS J 89 -7.20 -23.46 -9.58
C CYS J 89 -8.36 -23.06 -8.69
N THR J 90 -8.15 -22.00 -7.91
CA THR J 90 -9.17 -21.48 -7.00
C THR J 90 -9.56 -20.09 -7.42
N ALA J 91 -10.87 -19.86 -7.52
CA ALA J 91 -11.43 -18.58 -7.92
C ALA J 91 -12.39 -18.08 -6.86
N ILE J 92 -12.13 -16.87 -6.38
CA ILE J 92 -12.97 -16.20 -5.38
C ILE J 92 -13.62 -15.03 -6.09
N VAL J 93 -14.95 -15.08 -6.23
CA VAL J 93 -15.71 -14.01 -6.86
C VAL J 93 -16.86 -13.64 -5.94
N ARG J 94 -17.43 -12.47 -6.19
CA ARG J 94 -18.60 -11.99 -5.47
C ARG J 94 -19.67 -11.56 -6.47
N VAL J 95 -20.93 -11.64 -6.04
CA VAL J 95 -22.04 -11.12 -6.90
C VAL J 95 -22.65 -9.95 -6.13
N THR J 96 -23.16 -8.94 -6.84
CA THR J 96 -23.85 -7.83 -6.14
C THR J 96 -25.30 -7.78 -6.64
N LEU J 97 -26.25 -7.85 -5.72
CA LEU J 97 -27.68 -7.73 -6.11
C LEU J 97 -28.04 -6.25 -6.22
N THR J 98 -29.08 -5.93 -6.99
CA THR J 98 -29.50 -4.54 -7.15
C THR J 98 -29.84 -3.91 -5.81
N SER J 99 -30.09 -4.72 -4.79
CA SER J 99 -30.39 -4.22 -3.45
C SER J 99 -29.14 -3.91 -2.64
N GLY J 100 -27.95 -4.13 -3.20
CA GLY J 100 -26.71 -3.86 -2.52
C GLY J 100 -26.14 -5.03 -1.73
N THR J 101 -26.91 -6.12 -1.64
CA THR J 101 -26.45 -7.33 -0.88
C THR J 101 -25.38 -8.06 -1.70
N TYR J 102 -24.40 -8.66 -1.02
CA TYR J 102 -23.28 -9.33 -1.75
C TYR J 102 -23.08 -10.76 -1.24
N ARG J 103 -22.90 -11.71 -2.16
CA ARG J 103 -22.59 -13.10 -1.74
C ARG J 103 -21.17 -13.43 -2.24
N GLU J 104 -20.26 -13.77 -1.33
CA GLU J 104 -18.85 -14.03 -1.73
C GLU J 104 -18.47 -15.46 -1.36
N ASP J 105 -17.78 -16.18 -2.25
CA ASP J 105 -17.44 -17.58 -2.02
C ASP J 105 -16.19 -17.92 -2.83
N ILE J 106 -15.78 -19.18 -2.76
CA ILE J 106 -14.65 -19.66 -3.53
C ILE J 106 -15.07 -20.92 -4.26
N GLY J 107 -14.38 -21.21 -5.37
CA GLY J 107 -14.63 -22.42 -6.13
C GLY J 107 -13.34 -22.99 -6.67
N TYR J 108 -13.34 -24.30 -6.89
CA TYR J 108 -12.09 -24.97 -7.32
C TYR J 108 -12.31 -25.73 -8.64
N GLY J 109 -11.32 -25.66 -9.54
CA GLY J 109 -11.41 -26.42 -10.79
C GLY J 109 -10.13 -27.22 -11.01
N THR J 110 -10.24 -28.52 -11.31
CA THR J 110 -9.08 -29.38 -11.50
C THR J 110 -9.14 -30.08 -12.85
N VAL J 111 -7.96 -30.34 -13.41
CA VAL J 111 -7.83 -31.07 -14.67
C VAL J 111 -6.70 -32.09 -14.52
N GLU J 112 -6.88 -33.25 -15.16
CA GLU J 112 -6.02 -34.41 -14.89
C GLU J 112 -4.85 -34.54 -15.87
N ASN J 113 -5.13 -34.71 -17.16
CA ASN J 113 -4.04 -34.97 -18.11
C ASN J 113 -3.74 -33.78 -19.02
N GLU J 114 -4.72 -33.35 -19.82
CA GLU J 114 -4.62 -32.19 -20.71
C GLU J 114 -3.26 -32.14 -21.42
N ARG J 115 -3.03 -33.15 -22.26
CA ARG J 115 -1.75 -33.28 -22.93
C ARG J 115 -1.42 -32.07 -23.79
N ARG J 116 -2.42 -31.47 -24.42
CA ARG J 116 -2.21 -30.32 -25.30
C ARG J 116 -1.84 -29.05 -24.53
N LYS J 117 -1.89 -29.10 -23.20
CA LYS J 117 -1.74 -27.99 -22.27
C LYS J 117 -2.86 -26.95 -22.41
N PRO J 118 -4.15 -27.36 -22.38
CA PRO J 118 -5.20 -26.37 -22.11
C PRO J 118 -5.50 -26.33 -20.62
N ALA J 119 -4.59 -26.87 -19.81
CA ALA J 119 -4.80 -26.89 -18.37
C ALA J 119 -4.97 -25.48 -17.81
N ALA J 120 -4.13 -24.55 -18.23
CA ALA J 120 -4.32 -23.16 -17.87
C ALA J 120 -5.54 -22.52 -18.53
N PHE J 121 -6.02 -23.12 -19.62
CA PHE J 121 -7.23 -22.65 -20.27
C PHE J 121 -8.46 -22.89 -19.42
N GLU J 122 -8.46 -23.98 -18.65
CA GLU J 122 -9.67 -24.32 -17.86
C GLU J 122 -9.73 -23.43 -16.61
N ARG J 123 -8.60 -22.84 -16.23
CA ARG J 123 -8.55 -21.93 -15.06
C ARG J 123 -9.51 -20.77 -15.29
N ALA J 124 -9.43 -20.12 -16.45
CA ALA J 124 -10.24 -18.95 -16.73
C ALA J 124 -11.71 -19.25 -16.87
N LYS J 125 -12.09 -20.51 -17.09
CA LYS J 125 -13.48 -20.78 -17.41
C LYS J 125 -14.16 -21.59 -16.32
N LYS J 126 -13.66 -22.79 -16.05
CA LYS J 126 -14.46 -23.76 -15.32
C LYS J 126 -14.41 -23.54 -13.82
N SER J 127 -13.28 -23.06 -13.29
CA SER J 127 -13.23 -22.73 -11.87
C SER J 127 -14.16 -21.56 -11.54
N ALA J 128 -14.14 -20.53 -12.38
CA ALA J 128 -15.07 -19.41 -12.18
C ALA J 128 -16.51 -19.87 -12.32
N VAL J 129 -16.78 -20.77 -13.26
CA VAL J 129 -18.15 -21.26 -13.44
C VAL J 129 -18.63 -22.01 -12.19
N THR J 130 -17.79 -22.91 -11.64
CA THR J 130 -18.25 -23.66 -10.48
C THR J 130 -18.36 -22.78 -9.26
N ASP J 131 -17.53 -21.73 -9.17
CA ASP J 131 -17.66 -20.81 -8.04
C ASP J 131 -18.95 -19.98 -8.17
N ALA J 132 -19.29 -19.58 -9.40
CA ALA J 132 -20.57 -18.89 -9.60
C ALA J 132 -21.74 -19.80 -9.25
N LEU J 133 -21.64 -21.09 -9.59
CA LEU J 133 -22.68 -22.04 -9.19
C LEU J 133 -22.75 -22.16 -7.68
N LYS J 134 -21.60 -22.20 -7.01
CA LYS J 134 -21.58 -22.27 -5.55
C LYS J 134 -22.19 -21.02 -4.92
N ARG J 135 -22.15 -19.89 -5.63
CA ARG J 135 -22.83 -18.70 -5.12
C ARG J 135 -24.34 -18.93 -5.07
N SER J 136 -24.91 -19.50 -6.12
CA SER J 136 -26.34 -19.81 -6.13
C SER J 136 -26.67 -20.87 -5.08
N LEU J 137 -25.79 -21.85 -4.92
CA LEU J 137 -25.97 -22.84 -3.86
C LEU J 137 -25.98 -22.18 -2.49
N ARG J 138 -25.11 -21.18 -2.29
CA ARG J 138 -25.00 -20.51 -1.01
C ARG J 138 -26.27 -19.73 -0.67
N GLY J 139 -26.81 -19.03 -1.66
CA GLY J 139 -28.01 -18.24 -1.44
C GLY J 139 -28.73 -17.96 -2.73
N PHE J 140 -29.90 -17.36 -2.60
CA PHE J 140 -30.78 -17.07 -3.74
C PHE J 140 -31.07 -18.34 -4.54
N GLY J 141 -31.40 -19.41 -3.81
CA GLY J 141 -31.69 -20.67 -4.47
C GLY J 141 -32.90 -20.58 -5.39
N ASN J 142 -33.97 -19.93 -4.93
CA ASN J 142 -35.17 -19.78 -5.72
C ASN J 142 -35.49 -18.33 -6.05
N ALA J 143 -34.90 -17.37 -5.34
CA ALA J 143 -35.16 -15.95 -5.60
C ALA J 143 -33.94 -15.11 -5.26
#